data_3WQ4
#
_entry.id   3WQ4
#
_cell.length_a   59.628
_cell.length_b   88.796
_cell.length_c   195.170
_cell.angle_alpha   90.00
_cell.angle_beta   90.00
_cell.angle_gamma   90.00
#
_symmetry.space_group_name_H-M   'P 21 21 21'
#
loop_
_entity.id
_entity.type
_entity.pdbx_description
1 polymer Beta-primeverosidase
2 branched 2-acetamido-2-deoxy-beta-D-glucopyranose-(1-4)-2-acetamido-2-deoxy-beta-D-glucopyranose
3 non-polymer 2-acetamido-2-deoxy-beta-D-glucopyranose
4 water water
#
_entity_poly.entity_id   1
_entity_poly.type   'polypeptide(L)'
_entity_poly.pdbx_seq_one_letter_code
;MMAAKGSVVVGVLAIVAYALVVSEVAIAAQISSFNRTSFPDGFVFGAASSAYQFEGAAKEGGKGPNIWDTFTHEFPGKIS
NGSTGDVADDFYHRYKEDVKVLKFIGLDGFRMSISWARVLPRGKLSGGVNKEGIAFYNNVINDLLSKGIQPFITIFHWDL
PQALEDEYGGFLSPHIVNDFRDFAELCFKEFGDRVKHWITMNEPWSYSYGGYDAGLLAPGRCSAFMAFCPKGNSGTEPYI
VTHNLLLSHAAAVKLYKEKYQAYQKGQIGITLVTYWMIPYSNSKADKDAAQRALDFMYGWFIEPLSFGEYPKSMRRLVGK
RLPRFTKEQAMLVKGSFDFLGLNYYIANYVLNVPTSNSVNLSYTTDSLSNQTAFRNGVAIGRPTGVPAFFMYPKGLKDLL
VYTKEKYNDPVIYITENGMGDNNNVTTEEGIKDPQRVYFYNQHLLSLKNAIAAGVKVKGYFTWAFLDNFEWLSGYTQRFG
IVYVDFKDGLKRYPKHSALWFKKFLLK
;
_entity_poly.pdbx_strand_id   A,B
#
loop_
_chem_comp.id
_chem_comp.type
_chem_comp.name
_chem_comp.formula
NAG D-saccharide, beta linking 2-acetamido-2-deoxy-beta-D-glucopyranose 'C8 H15 N O6'
#
# COMPACT_ATOMS: atom_id res chain seq x y z
N SER A 33 35.84 3.43 -1.72
CA SER A 33 35.54 2.00 -1.77
C SER A 33 34.02 1.74 -1.76
N PHE A 34 33.62 0.61 -2.33
CA PHE A 34 32.22 0.20 -2.35
C PHE A 34 31.71 -0.04 -0.94
N ASN A 35 30.69 0.72 -0.53
CA ASN A 35 30.17 0.61 0.82
C ASN A 35 28.66 0.90 0.84
N ARG A 36 28.05 0.76 2.02
CA ARG A 36 26.58 0.75 2.12
C ARG A 36 25.93 2.07 1.76
N THR A 37 26.73 3.13 1.69
CA THR A 37 26.21 4.46 1.40
C THR A 37 25.67 4.52 -0.03
N SER A 38 26.13 3.59 -0.87
CA SER A 38 25.60 3.46 -2.22
C SER A 38 24.16 2.93 -2.26
N PHE A 39 23.68 2.44 -1.13
CA PHE A 39 22.32 1.88 -1.04
C PHE A 39 21.41 2.83 -0.28
N PRO A 40 20.08 2.73 -0.48
CA PRO A 40 19.16 3.68 0.14
C PRO A 40 19.34 3.73 1.66
N ASP A 41 19.03 4.89 2.25
CA ASP A 41 19.09 5.05 3.69
C ASP A 41 18.13 4.06 4.35
N GLY A 42 18.59 3.39 5.40
CA GLY A 42 17.74 2.45 6.10
C GLY A 42 17.64 1.08 5.44
N PHE A 43 18.40 0.86 4.38
CA PHE A 43 18.45 -0.46 3.73
C PHE A 43 18.89 -1.50 4.77
N VAL A 44 18.26 -2.67 4.78
CA VAL A 44 18.62 -3.68 5.78
C VAL A 44 19.63 -4.70 5.24
N PHE A 45 20.85 -4.68 5.77
CA PHE A 45 21.82 -5.72 5.42
C PHE A 45 21.86 -6.76 6.53
N GLY A 46 21.71 -8.02 6.15
CA GLY A 46 21.76 -9.07 7.15
C GLY A 46 22.37 -10.36 6.68
N ALA A 47 22.29 -11.36 7.53
CA ALA A 47 22.71 -12.72 7.20
C ALA A 47 21.58 -13.68 7.55
N ALA A 48 21.58 -14.86 6.95
CA ALA A 48 20.43 -15.73 7.10
C ALA A 48 20.77 -17.09 7.72
N SER A 49 19.75 -17.73 8.28
CA SER A 49 19.90 -19.05 8.91
C SER A 49 18.56 -19.75 8.82
N SER A 50 18.50 -21.00 9.25
CA SER A 50 17.21 -21.62 9.48
C SER A 50 17.36 -22.64 10.60
N ALA A 51 16.25 -23.05 11.19
CA ALA A 51 16.28 -23.80 12.44
C ALA A 51 16.90 -25.17 12.28
N TYR A 52 16.39 -26.00 11.36
CA TYR A 52 16.96 -27.34 11.27
C TYR A 52 18.43 -27.28 10.85
N GLN A 53 18.78 -26.31 10.00
CA GLN A 53 20.16 -26.23 9.51
C GLN A 53 21.17 -25.74 10.54
N PHE A 54 20.70 -25.07 11.61
CA PHE A 54 21.61 -24.41 12.55
C PHE A 54 21.50 -24.89 14.01
N GLU A 55 20.28 -25.15 14.48
CA GLU A 55 20.04 -25.22 15.94
C GLU A 55 20.67 -26.42 16.64
N GLY A 56 20.54 -27.59 16.04
CA GLY A 56 20.80 -28.82 16.75
C GLY A 56 19.79 -28.98 17.87
N ALA A 57 20.22 -29.56 18.98
CA ALA A 57 19.33 -29.84 20.11
C ALA A 57 18.03 -30.48 19.64
N ALA A 58 18.15 -31.44 18.73
CA ALA A 58 17.00 -31.98 18.00
C ALA A 58 16.04 -32.72 18.91
N LYS A 59 16.57 -33.30 19.97
CA LYS A 59 15.77 -34.06 20.93
C LYS A 59 15.84 -33.45 22.32
N GLU A 60 16.21 -32.17 22.39
CA GLU A 60 16.39 -31.50 23.68
C GLU A 60 15.42 -30.34 23.87
N GLY A 61 15.28 -29.90 25.11
CA GLY A 61 14.52 -28.70 25.39
C GLY A 61 13.04 -28.90 25.15
N GLY A 62 12.58 -30.15 25.24
CA GLY A 62 11.17 -30.46 25.07
C GLY A 62 10.71 -30.58 23.62
N LYS A 63 11.63 -30.46 22.67
CA LYS A 63 11.28 -30.47 21.25
C LYS A 63 10.79 -31.84 20.79
N GLY A 64 9.79 -31.83 19.90
CA GLY A 64 9.27 -33.06 19.32
C GLY A 64 9.90 -33.32 17.96
N PRO A 65 9.67 -34.50 17.39
CA PRO A 65 10.36 -34.81 16.13
C PRO A 65 9.73 -34.11 14.93
N ASN A 66 10.55 -33.79 13.94
CA ASN A 66 10.04 -33.24 12.69
C ASN A 66 10.44 -34.13 11.52
N ILE A 67 9.92 -33.85 10.34
CA ILE A 67 10.13 -34.73 9.20
C ILE A 67 11.61 -34.76 8.75
N TRP A 68 12.38 -33.76 9.16
CA TRP A 68 13.81 -33.79 8.83
C TRP A 68 14.62 -34.65 9.80
N ASP A 69 14.23 -34.68 11.07
CA ASP A 69 14.77 -35.69 12.01
C ASP A 69 14.56 -37.08 11.43
N THR A 70 13.33 -37.32 11.00
CA THR A 70 12.93 -38.61 10.45
C THR A 70 13.68 -38.95 9.17
N PHE A 71 13.68 -38.00 8.23
CA PHE A 71 14.27 -38.19 6.91
C PHE A 71 15.76 -38.49 7.00
N THR A 72 16.49 -37.70 7.78
CA THR A 72 17.94 -37.87 7.82
C THR A 72 18.30 -39.19 8.51
N HIS A 73 17.47 -39.62 9.44
CA HIS A 73 17.79 -40.86 10.17
C HIS A 73 17.33 -42.11 9.42
N GLU A 74 16.27 -42.01 8.65
CA GLU A 74 15.75 -43.18 7.95
C GLU A 74 16.27 -43.29 6.50
N PHE A 75 16.84 -42.20 5.97
CA PHE A 75 17.43 -42.24 4.63
C PHE A 75 18.80 -41.59 4.55
N PRO A 76 19.78 -42.18 5.27
CA PRO A 76 21.15 -41.66 5.29
C PRO A 76 21.80 -41.63 3.92
N GLY A 77 21.35 -42.52 3.03
CA GLY A 77 21.89 -42.54 1.69
C GLY A 77 21.46 -41.34 0.87
N LYS A 78 20.47 -40.60 1.37
CA LYS A 78 19.99 -39.39 0.68
C LYS A 78 20.64 -38.10 1.21
N ILE A 79 21.53 -38.23 2.19
CA ILE A 79 22.32 -37.13 2.70
C ILE A 79 23.81 -37.42 2.49
N SER A 80 24.56 -36.45 1.96
CA SER A 80 26.00 -36.63 1.80
C SER A 80 26.64 -37.04 3.11
N ASN A 81 27.35 -38.17 3.10
CA ASN A 81 28.06 -38.69 4.28
C ASN A 81 27.15 -39.20 5.37
N GLY A 82 25.86 -39.37 5.08
CA GLY A 82 24.91 -39.82 6.09
C GLY A 82 24.83 -38.90 7.30
N SER A 83 25.00 -37.59 7.07
CA SER A 83 24.93 -36.58 8.13
C SER A 83 23.49 -36.29 8.58
N THR A 84 23.35 -35.68 9.77
CA THR A 84 22.05 -35.18 10.22
C THR A 84 22.20 -33.78 10.78
N GLY A 85 21.05 -33.17 11.08
CA GLY A 85 21.04 -31.92 11.80
C GLY A 85 20.83 -32.13 13.29
N ASP A 86 21.21 -33.31 13.81
CA ASP A 86 21.05 -33.58 15.25
C ASP A 86 21.74 -32.50 16.10
N VAL A 87 22.92 -32.07 15.65
CA VAL A 87 23.69 -31.06 16.35
C VAL A 87 23.87 -29.81 15.49
N ALA A 88 24.15 -30.01 14.20
CA ALA A 88 24.39 -28.92 13.26
C ALA A 88 25.41 -27.94 13.83
N ASP A 89 25.00 -26.68 14.01
CA ASP A 89 25.91 -25.64 14.52
C ASP A 89 25.78 -25.48 16.03
N ASP A 90 24.87 -26.24 16.63
CA ASP A 90 24.49 -26.09 18.04
C ASP A 90 24.12 -24.63 18.39
N PHE A 91 23.44 -23.97 17.46
CA PHE A 91 23.02 -22.58 17.65
C PHE A 91 22.08 -22.50 18.85
N TYR A 92 21.37 -23.59 19.12
CA TYR A 92 20.48 -23.65 20.29
C TYR A 92 21.20 -23.29 21.58
N HIS A 93 22.42 -23.80 21.73
CA HIS A 93 23.21 -23.51 22.94
C HIS A 93 24.18 -22.37 22.75
N ARG A 94 24.60 -22.10 21.51
CA ARG A 94 25.66 -21.13 21.27
C ARG A 94 25.17 -19.76 20.85
N TYR A 95 23.86 -19.52 20.93
CA TYR A 95 23.29 -18.33 20.30
C TYR A 95 23.87 -17.02 20.85
N LYS A 96 24.19 -16.98 22.15
CA LYS A 96 24.74 -15.74 22.73
C LYS A 96 26.06 -15.38 22.06
N GLU A 97 26.94 -16.37 21.87
CA GLU A 97 28.20 -16.06 21.19
C GLU A 97 27.97 -15.74 19.72
N ASP A 98 27.01 -16.40 19.08
CA ASP A 98 26.76 -16.14 17.66
C ASP A 98 26.18 -14.74 17.45
N VAL A 99 25.34 -14.28 18.37
CA VAL A 99 24.78 -12.95 18.24
C VAL A 99 25.88 -11.89 18.37
N LYS A 100 26.89 -12.17 19.18
CA LYS A 100 28.05 -11.29 19.25
C LYS A 100 28.78 -11.21 17.90
N VAL A 101 28.86 -12.32 17.19
CA VAL A 101 29.51 -12.31 15.87
C VAL A 101 28.71 -11.47 14.87
N LEU A 102 27.39 -11.56 14.94
CA LEU A 102 26.54 -10.73 14.08
C LEU A 102 26.77 -9.24 14.34
N LYS A 103 26.90 -8.86 15.62
CA LYS A 103 27.16 -7.47 16.00
C LYS A 103 28.54 -7.04 15.50
N PHE A 104 29.51 -7.94 15.63
CA PHE A 104 30.88 -7.71 15.17
C PHE A 104 30.90 -7.39 13.68
N ILE A 105 30.12 -8.13 12.90
CA ILE A 105 30.05 -7.89 11.48
C ILE A 105 29.32 -6.57 11.24
N GLY A 106 28.38 -6.23 12.11
CA GLY A 106 27.69 -4.95 12.02
C GLY A 106 26.40 -5.03 11.23
N LEU A 107 25.83 -6.22 11.18
CA LEU A 107 24.60 -6.47 10.42
C LEU A 107 23.38 -5.71 10.99
N ASP A 108 22.47 -5.33 10.10
CA ASP A 108 21.21 -4.67 10.45
C ASP A 108 20.11 -5.67 10.82
N GLY A 109 20.15 -6.83 10.19
CA GLY A 109 19.08 -7.79 10.36
C GLY A 109 19.60 -9.21 10.40
N PHE A 110 18.76 -10.12 10.86
CA PHE A 110 19.10 -11.54 10.93
C PHE A 110 17.86 -12.37 10.59
N ARG A 111 17.97 -13.18 9.54
CA ARG A 111 16.94 -14.15 9.21
C ARG A 111 17.14 -15.43 10.00
N MET A 112 16.06 -15.91 10.60
CA MET A 112 16.08 -17.16 11.36
C MET A 112 14.67 -17.73 11.31
N SER A 113 14.53 -19.03 11.56
CA SER A 113 13.21 -19.62 11.50
C SER A 113 12.80 -20.24 12.84
N ILE A 114 11.49 -20.39 13.00
CA ILE A 114 10.95 -21.02 14.18
C ILE A 114 10.78 -22.50 13.92
N SER A 115 11.35 -23.35 14.77
CA SER A 115 11.15 -24.79 14.65
C SER A 115 9.77 -25.16 15.19
N TRP A 116 8.89 -25.52 14.28
CA TRP A 116 7.50 -25.81 14.60
C TRP A 116 7.38 -26.84 15.74
N ALA A 117 8.16 -27.92 15.66
CA ALA A 117 8.05 -28.99 16.67
C ALA A 117 8.76 -28.63 17.98
N ARG A 118 9.60 -27.59 17.95
CA ARG A 118 10.18 -27.11 19.19
C ARG A 118 9.14 -26.35 20.03
N VAL A 119 8.24 -25.61 19.38
CA VAL A 119 7.27 -24.83 20.16
C VAL A 119 5.94 -25.54 20.32
N LEU A 120 5.59 -26.39 19.34
CA LEU A 120 4.40 -27.23 19.40
C LEU A 120 4.81 -28.69 19.11
N PRO A 121 5.25 -29.41 20.15
CA PRO A 121 5.90 -30.71 19.92
C PRO A 121 5.02 -31.72 19.20
N ARG A 122 3.70 -31.58 19.30
CA ARG A 122 2.79 -32.50 18.63
C ARG A 122 2.07 -31.79 17.47
N GLY A 123 2.63 -30.68 17.02
CA GLY A 123 2.17 -30.01 15.82
C GLY A 123 0.91 -29.20 16.04
N LYS A 124 -0.13 -29.86 16.54
CA LYS A 124 -1.39 -29.19 16.82
C LYS A 124 -1.33 -28.35 18.09
N LEU A 125 -2.06 -27.25 18.08
CA LEU A 125 -2.16 -26.36 19.22
C LEU A 125 -2.70 -27.13 20.45
N SER A 126 -3.68 -28.01 20.21
CA SER A 126 -4.27 -28.81 21.29
C SER A 126 -3.29 -29.81 21.89
N GLY A 127 -2.19 -30.03 21.19
CA GLY A 127 -1.15 -30.92 21.67
C GLY A 127 -0.24 -30.26 22.70
N GLY A 128 -0.43 -28.97 22.92
CA GLY A 128 0.32 -28.27 23.94
C GLY A 128 1.50 -27.44 23.44
N VAL A 129 1.75 -26.32 24.10
CA VAL A 129 2.86 -25.44 23.76
C VAL A 129 4.04 -25.76 24.65
N ASN A 130 5.22 -25.81 24.04
CA ASN A 130 6.44 -26.10 24.77
C ASN A 130 7.07 -24.79 25.26
N LYS A 131 6.87 -24.48 26.55
CA LYS A 131 7.33 -23.20 27.11
C LYS A 131 8.84 -23.01 26.96
N GLU A 132 9.61 -24.09 27.11
CA GLU A 132 11.06 -24.02 26.98
C GLU A 132 11.47 -23.66 25.54
N GLY A 133 10.66 -24.09 24.58
CA GLY A 133 10.90 -23.75 23.17
C GLY A 133 10.64 -22.26 22.93
N ILE A 134 9.49 -21.77 23.39
CA ILE A 134 9.18 -20.35 23.32
C ILE A 134 10.29 -19.52 23.97
N ALA A 135 10.77 -20.01 25.11
CA ALA A 135 11.77 -19.28 25.88
C ALA A 135 13.07 -19.12 25.07
N PHE A 136 13.47 -20.18 24.38
CA PHE A 136 14.65 -20.11 23.51
C PHE A 136 14.52 -18.99 22.49
N TYR A 137 13.40 -18.94 21.77
CA TYR A 137 13.24 -17.94 20.71
C TYR A 137 13.15 -16.54 21.30
N ASN A 138 12.43 -16.38 22.42
CA ASN A 138 12.45 -15.10 23.13
C ASN A 138 13.88 -14.67 23.50
N ASN A 139 14.69 -15.61 23.97
CA ASN A 139 16.05 -15.28 24.37
C ASN A 139 16.87 -14.77 23.19
N VAL A 140 16.77 -15.45 22.05
CA VAL A 140 17.49 -15.06 20.86
C VAL A 140 17.03 -13.69 20.37
N ILE A 141 15.71 -13.52 20.31
CA ILE A 141 15.12 -12.25 19.88
C ILE A 141 15.54 -11.08 20.77
N ASN A 142 15.49 -11.29 22.09
CA ASN A 142 15.85 -10.21 23.01
C ASN A 142 17.32 -9.83 22.89
N ASP A 143 18.15 -10.83 22.63
CA ASP A 143 19.57 -10.58 22.49
C ASP A 143 19.81 -9.84 21.18
N LEU A 144 19.22 -10.34 20.09
CA LEU A 144 19.30 -9.66 18.80
C LEU A 144 18.91 -8.18 18.90
N LEU A 145 17.78 -7.90 19.54
CA LEU A 145 17.29 -6.53 19.64
C LEU A 145 18.24 -5.65 20.47
N SER A 146 18.85 -6.22 21.50
CA SER A 146 19.81 -5.48 22.32
C SER A 146 21.03 -5.08 21.49
N LYS A 147 21.32 -5.84 20.44
CA LYS A 147 22.46 -5.51 19.57
C LYS A 147 22.03 -4.66 18.37
N GLY A 148 20.77 -4.24 18.35
CA GLY A 148 20.26 -3.43 17.25
C GLY A 148 20.06 -4.19 15.95
N ILE A 149 19.79 -5.49 16.06
CA ILE A 149 19.60 -6.36 14.91
C ILE A 149 18.14 -6.76 14.81
N GLN A 150 17.50 -6.42 13.69
CA GLN A 150 16.10 -6.75 13.46
C GLN A 150 15.91 -8.21 13.12
N PRO A 151 15.07 -8.92 13.88
CA PRO A 151 14.79 -10.30 13.49
C PRO A 151 13.81 -10.39 12.32
N PHE A 152 14.25 -11.03 11.24
CA PHE A 152 13.34 -11.41 10.16
C PHE A 152 13.01 -12.87 10.33
N ILE A 153 11.80 -13.18 10.76
CA ILE A 153 11.50 -14.52 11.19
C ILE A 153 10.68 -15.31 10.19
N THR A 154 11.23 -16.44 9.74
CA THR A 154 10.48 -17.36 8.90
C THR A 154 9.69 -18.34 9.77
N ILE A 155 8.40 -18.46 9.52
CA ILE A 155 7.58 -19.32 10.37
C ILE A 155 7.81 -20.78 9.99
N PHE A 156 7.73 -21.07 8.69
CA PHE A 156 7.93 -22.44 8.23
C PHE A 156 9.09 -22.58 7.26
N HIS A 157 10.17 -23.21 7.73
CA HIS A 157 11.33 -23.51 6.92
C HIS A 157 11.53 -25.04 6.85
N TRP A 158 10.45 -25.73 6.46
CA TRP A 158 10.40 -27.14 6.02
C TRP A 158 10.37 -28.19 7.14
N ASP A 159 10.59 -27.77 8.39
CA ASP A 159 10.71 -28.73 9.48
C ASP A 159 9.34 -29.04 10.09
N LEU A 160 8.47 -29.64 9.28
CA LEU A 160 7.11 -30.00 9.71
C LEU A 160 7.14 -31.01 10.86
N PRO A 161 6.31 -30.81 11.88
CA PRO A 161 6.24 -31.82 12.95
C PRO A 161 5.84 -33.19 12.40
N GLN A 162 6.52 -34.24 12.84
CA GLN A 162 6.19 -35.58 12.38
C GLN A 162 4.75 -35.94 12.70
N ALA A 163 4.22 -35.41 13.80
CA ALA A 163 2.86 -35.72 14.20
C ALA A 163 1.84 -35.33 13.12
N LEU A 164 2.11 -34.23 12.42
CA LEU A 164 1.19 -33.77 11.39
C LEU A 164 1.37 -34.55 10.09
N GLU A 165 2.63 -34.86 9.78
CA GLU A 165 2.92 -35.72 8.64
C GLU A 165 2.23 -37.06 8.81
N ASP A 166 2.33 -37.64 10.01
CA ASP A 166 1.70 -38.93 10.28
C ASP A 166 0.17 -38.85 10.28
N GLU A 167 -0.41 -37.80 10.89
CA GLU A 167 -1.86 -37.75 11.04
C GLU A 167 -2.59 -37.69 9.70
N TYR A 168 -2.13 -36.80 8.81
CA TYR A 168 -2.88 -36.57 7.59
C TYR A 168 -1.99 -36.30 6.37
N GLY A 169 -0.71 -36.60 6.47
CA GLY A 169 0.15 -36.48 5.31
C GLY A 169 0.66 -35.06 5.10
N GLY A 170 0.66 -34.28 6.17
CA GLY A 170 1.23 -32.94 6.10
C GLY A 170 0.56 -32.08 5.03
N PHE A 171 1.36 -31.49 4.15
CA PHE A 171 0.82 -30.57 3.15
C PHE A 171 0.10 -31.27 1.99
N LEU A 172 -0.05 -32.59 2.06
CA LEU A 172 -0.93 -33.27 1.11
C LEU A 172 -2.40 -33.04 1.45
N SER A 173 -2.66 -32.58 2.67
CA SER A 173 -4.03 -32.48 3.16
C SER A 173 -4.48 -31.06 3.45
N PRO A 174 -5.76 -30.77 3.17
CA PRO A 174 -6.33 -29.45 3.51
C PRO A 174 -6.31 -29.18 5.02
N HIS A 175 -6.18 -30.23 5.83
CA HIS A 175 -6.05 -30.08 7.27
C HIS A 175 -4.83 -29.29 7.71
N ILE A 176 -3.81 -29.25 6.87
CA ILE A 176 -2.58 -28.52 7.23
C ILE A 176 -2.83 -27.03 7.43
N VAL A 177 -3.83 -26.48 6.75
CA VAL A 177 -4.02 -25.03 6.73
C VAL A 177 -4.29 -24.48 8.13
N ASN A 178 -5.22 -25.11 8.84
CA ASN A 178 -5.59 -24.55 10.13
C ASN A 178 -4.58 -24.85 11.21
N ASP A 179 -3.81 -25.93 11.05
CA ASP A 179 -2.71 -26.18 11.98
C ASP A 179 -1.57 -25.18 11.71
N PHE A 180 -1.34 -24.89 10.43
CA PHE A 180 -0.35 -23.87 10.07
C PHE A 180 -0.77 -22.51 10.64
N ARG A 181 -2.05 -22.19 10.51
CA ARG A 181 -2.55 -20.91 11.01
C ARG A 181 -2.34 -20.77 12.51
N ASP A 182 -2.67 -21.82 13.27
CA ASP A 182 -2.48 -21.80 14.72
C ASP A 182 -1.02 -21.64 15.10
N PHE A 183 -0.14 -22.29 14.33
CA PHE A 183 1.31 -22.18 14.52
C PHE A 183 1.75 -20.73 14.28
N ALA A 184 1.30 -20.17 13.17
CA ALA A 184 1.60 -18.78 12.87
C ALA A 184 1.07 -17.88 13.99
N GLU A 185 -0.15 -18.14 14.46
CA GLU A 185 -0.72 -17.28 15.50
C GLU A 185 0.07 -17.37 16.80
N LEU A 186 0.55 -18.56 17.14
CA LEU A 186 1.41 -18.71 18.31
C LEU A 186 2.62 -17.78 18.20
N CYS A 187 3.21 -17.75 17.02
CA CYS A 187 4.37 -16.92 16.78
C CYS A 187 4.01 -15.43 16.95
N PHE A 188 2.91 -15.02 16.34
CA PHE A 188 2.45 -13.63 16.44
C PHE A 188 2.23 -13.26 17.89
N LYS A 189 1.53 -14.13 18.61
CA LYS A 189 1.20 -13.89 20.01
C LYS A 189 2.43 -13.81 20.91
N GLU A 190 3.37 -14.74 20.71
CA GLU A 190 4.51 -14.82 21.61
C GLU A 190 5.66 -13.89 21.25
N PHE A 191 5.80 -13.57 19.95
CA PHE A 191 6.97 -12.81 19.51
C PHE A 191 6.67 -11.51 18.77
N GLY A 192 5.43 -11.33 18.34
CA GLY A 192 5.09 -10.23 17.44
C GLY A 192 5.17 -8.85 18.06
N ASP A 193 5.25 -8.78 19.39
CA ASP A 193 5.47 -7.50 20.06
C ASP A 193 6.87 -6.96 19.74
N ARG A 194 7.77 -7.87 19.36
CA ARG A 194 9.17 -7.52 19.12
C ARG A 194 9.60 -7.80 17.66
N VAL A 195 8.94 -8.73 17.01
CA VAL A 195 9.26 -9.08 15.63
C VAL A 195 8.39 -8.27 14.67
N LYS A 196 9.03 -7.54 13.77
CA LYS A 196 8.27 -6.66 12.88
C LYS A 196 8.37 -7.07 11.41
N HIS A 197 9.04 -8.19 11.15
CA HIS A 197 9.08 -8.75 9.80
C HIS A 197 8.88 -10.25 9.83
N TRP A 198 7.76 -10.69 9.26
CA TRP A 198 7.40 -12.10 9.21
C TRP A 198 7.47 -12.65 7.80
N ILE A 199 8.00 -13.87 7.69
CA ILE A 199 7.99 -14.62 6.44
C ILE A 199 7.22 -15.92 6.71
N THR A 200 6.12 -16.12 6.00
CA THR A 200 5.28 -17.29 6.31
C THR A 200 6.02 -18.58 6.06
N MET A 201 6.71 -18.67 4.92
CA MET A 201 7.45 -19.86 4.57
C MET A 201 8.61 -19.56 3.64
N ASN A 202 9.60 -20.43 3.65
CA ASN A 202 10.78 -20.28 2.82
C ASN A 202 10.77 -21.31 1.68
N GLU A 203 10.93 -20.83 0.45
CA GLU A 203 11.04 -21.71 -0.73
C GLU A 203 10.03 -22.84 -0.79
N PRO A 204 8.74 -22.51 -0.90
CA PRO A 204 7.77 -23.61 -1.10
C PRO A 204 8.05 -24.42 -2.37
N TRP A 205 8.74 -23.84 -3.36
CA TRP A 205 9.14 -24.63 -4.53
C TRP A 205 10.04 -25.80 -4.12
N SER A 206 11.03 -25.52 -3.28
CA SER A 206 11.95 -26.55 -2.85
C SER A 206 11.23 -27.66 -2.09
N TYR A 207 10.36 -27.26 -1.17
CA TYR A 207 9.55 -28.23 -0.42
C TYR A 207 8.73 -29.11 -1.34
N SER A 208 8.03 -28.51 -2.29
CA SER A 208 7.18 -29.29 -3.17
C SER A 208 8.00 -30.14 -4.16
N TYR A 209 8.87 -29.51 -4.94
CA TYR A 209 9.70 -30.24 -5.89
C TYR A 209 10.59 -31.29 -5.20
N GLY A 210 11.36 -30.85 -4.21
CA GLY A 210 12.32 -31.72 -3.57
C GLY A 210 11.66 -32.81 -2.73
N GLY A 211 10.56 -32.46 -2.07
CA GLY A 211 9.89 -33.40 -1.19
C GLY A 211 8.92 -34.37 -1.87
N TYR A 212 8.45 -34.04 -3.08
CA TYR A 212 7.34 -34.77 -3.69
C TYR A 212 7.50 -35.12 -5.17
N ASP A 213 8.48 -34.51 -5.83
CA ASP A 213 8.75 -34.90 -7.22
C ASP A 213 10.01 -35.75 -7.24
N ALA A 214 11.13 -35.19 -6.78
CA ALA A 214 12.41 -35.88 -6.85
C ALA A 214 12.70 -36.73 -5.62
N GLY A 215 11.96 -36.53 -4.54
CA GLY A 215 12.19 -37.28 -3.31
C GLY A 215 13.58 -37.06 -2.70
N LEU A 216 14.17 -35.91 -2.96
CA LEU A 216 15.51 -35.58 -2.48
C LEU A 216 15.50 -34.90 -1.12
N LEU A 217 14.34 -34.33 -0.75
CA LEU A 217 14.16 -33.66 0.54
C LEU A 217 13.03 -34.30 1.32
N ALA A 218 13.02 -34.13 2.65
CA ALA A 218 11.89 -34.62 3.46
C ALA A 218 10.59 -34.05 2.91
N PRO A 219 9.51 -34.83 2.96
CA PRO A 219 9.36 -36.16 3.55
C PRO A 219 9.80 -37.31 2.63
N GLY A 220 10.43 -37.00 1.51
CA GLY A 220 11.01 -38.02 0.65
C GLY A 220 10.00 -38.86 -0.10
N ARG A 221 9.15 -38.22 -0.91
CA ARG A 221 8.13 -38.93 -1.67
C ARG A 221 8.34 -38.72 -3.16
N CYS A 222 8.03 -39.74 -3.96
CA CYS A 222 8.15 -39.66 -5.42
C CYS A 222 7.52 -40.90 -6.04
N SER A 223 7.30 -40.88 -7.35
CA SER A 223 6.69 -42.00 -8.06
C SER A 223 7.49 -43.31 -7.93
N ALA A 224 6.75 -44.42 -7.84
CA ALA A 224 7.37 -45.74 -7.72
C ALA A 224 8.32 -46.07 -8.87
N PHE A 225 8.08 -45.56 -10.07
CA PHE A 225 8.93 -45.94 -11.20
C PHE A 225 10.35 -45.41 -11.01
N MET A 226 10.53 -44.47 -10.08
CA MET A 226 11.86 -43.92 -9.80
C MET A 226 12.72 -44.84 -8.94
N ALA A 227 12.10 -45.82 -8.30
CA ALA A 227 12.79 -46.74 -7.38
C ALA A 227 13.66 -45.98 -6.40
N PHE A 228 13.07 -44.99 -5.73
CA PHE A 228 13.84 -44.04 -4.94
C PHE A 228 13.15 -43.66 -3.63
N CYS A 229 11.82 -43.77 -3.62
CA CYS A 229 11.02 -43.48 -2.43
C CYS A 229 10.00 -44.58 -2.19
N PRO A 230 9.69 -44.85 -0.91
CA PRO A 230 8.67 -45.90 -0.67
C PRO A 230 7.27 -45.49 -1.12
N LYS A 231 6.98 -44.20 -1.13
CA LYS A 231 5.63 -43.74 -1.48
C LYS A 231 5.66 -42.44 -2.27
N GLY A 232 4.60 -42.19 -3.03
CA GLY A 232 4.41 -40.90 -3.66
C GLY A 232 3.91 -40.95 -5.08
N ASN A 233 3.87 -39.79 -5.69
CA ASN A 233 3.39 -39.65 -7.05
C ASN A 233 3.90 -38.31 -7.53
N SER A 234 4.94 -38.35 -8.35
CA SER A 234 5.62 -37.15 -8.82
C SER A 234 4.77 -36.31 -9.78
N GLY A 235 3.72 -36.91 -10.33
CA GLY A 235 2.88 -36.20 -11.28
C GLY A 235 1.68 -35.52 -10.66
N THR A 236 1.35 -35.88 -9.42
CA THR A 236 0.18 -35.30 -8.75
C THR A 236 0.54 -34.55 -7.47
N GLU A 237 1.35 -35.16 -6.63
CA GLU A 237 1.57 -34.61 -5.28
C GLU A 237 2.27 -33.23 -5.25
N PRO A 238 3.20 -32.95 -6.17
CA PRO A 238 3.78 -31.60 -6.12
C PRO A 238 2.72 -30.51 -6.28
N TYR A 239 1.73 -30.75 -7.13
CA TYR A 239 0.66 -29.78 -7.35
C TYR A 239 -0.28 -29.70 -6.16
N ILE A 240 -0.58 -30.84 -5.54
CA ILE A 240 -1.41 -30.85 -4.34
C ILE A 240 -0.75 -30.06 -3.22
N VAL A 241 0.54 -30.34 -3.01
CA VAL A 241 1.30 -29.72 -1.94
C VAL A 241 1.46 -28.22 -2.13
N THR A 242 1.77 -27.81 -3.35
CA THR A 242 1.92 -26.38 -3.63
C THR A 242 0.63 -25.61 -3.37
N HIS A 243 -0.49 -26.20 -3.79
CA HIS A 243 -1.79 -25.58 -3.54
C HIS A 243 -1.99 -25.34 -2.03
N ASN A 244 -1.77 -26.37 -1.22
CA ASN A 244 -1.93 -26.25 0.23
C ASN A 244 -0.88 -25.33 0.87
N LEU A 245 0.32 -25.27 0.31
CA LEU A 245 1.31 -24.30 0.79
C LEU A 245 0.81 -22.87 0.59
N LEU A 246 0.29 -22.59 -0.60
CA LEU A 246 -0.25 -21.27 -0.90
C LEU A 246 -1.45 -20.92 -0.02
N LEU A 247 -2.34 -21.89 0.19
CA LEU A 247 -3.51 -21.65 1.06
C LEU A 247 -3.12 -21.46 2.52
N SER A 248 -2.10 -22.18 2.99
CA SER A 248 -1.61 -22.04 4.36
C SER A 248 -0.96 -20.67 4.56
N HIS A 249 -0.12 -20.30 3.62
CA HIS A 249 0.44 -18.95 3.61
C HIS A 249 -0.65 -17.88 3.70
N ALA A 250 -1.64 -18.02 2.82
CA ALA A 250 -2.70 -17.02 2.70
C ALA A 250 -3.50 -16.91 3.98
N ALA A 251 -3.74 -18.04 4.65
CA ALA A 251 -4.49 -18.03 5.91
C ALA A 251 -3.71 -17.30 6.99
N ALA A 252 -2.40 -17.53 7.04
CA ALA A 252 -1.55 -16.86 8.02
C ALA A 252 -1.53 -15.35 7.80
N VAL A 253 -1.45 -14.93 6.54
CA VAL A 253 -1.40 -13.52 6.19
C VAL A 253 -2.71 -12.84 6.58
N LYS A 254 -3.82 -13.49 6.26
CA LYS A 254 -5.13 -12.95 6.60
C LYS A 254 -5.21 -12.69 8.11
N LEU A 255 -4.82 -13.68 8.89
CA LEU A 255 -4.87 -13.56 10.35
C LEU A 255 -3.99 -12.42 10.82
N TYR A 256 -2.77 -12.35 10.30
CA TYR A 256 -1.85 -11.28 10.70
C TYR A 256 -2.44 -9.91 10.41
N LYS A 257 -2.94 -9.74 9.18
CA LYS A 257 -3.54 -8.48 8.76
C LYS A 257 -4.71 -8.06 9.64
N GLU A 258 -5.61 -9.00 9.93
CA GLU A 258 -6.86 -8.68 10.60
C GLU A 258 -6.76 -8.57 12.12
N LYS A 259 -5.83 -9.30 12.72
CA LYS A 259 -5.80 -9.42 14.15
C LYS A 259 -4.54 -8.84 14.81
N TYR A 260 -3.43 -8.72 14.09
CA TYR A 260 -2.18 -8.35 14.71
C TYR A 260 -1.48 -7.13 14.12
N GLN A 261 -1.60 -6.93 12.81
CA GLN A 261 -0.79 -5.92 12.15
C GLN A 261 -1.07 -4.49 12.65
N ALA A 262 -2.32 -4.18 12.92
CA ALA A 262 -2.68 -2.84 13.35
C ALA A 262 -2.01 -2.48 14.68
N TYR A 263 -1.86 -3.46 15.56
CA TYR A 263 -1.29 -3.20 16.88
C TYR A 263 0.23 -3.42 16.89
N GLN A 264 0.69 -4.48 16.23
CA GLN A 264 2.11 -4.84 16.26
C GLN A 264 2.92 -4.07 15.24
N LYS A 265 2.24 -3.62 14.17
CA LYS A 265 2.80 -2.74 13.14
C LYS A 265 4.01 -3.35 12.43
N GLY A 266 3.95 -4.66 12.18
CA GLY A 266 4.99 -5.32 11.41
C GLY A 266 4.55 -5.52 9.97
N GLN A 267 5.36 -6.26 9.22
CA GLN A 267 5.10 -6.57 7.81
C GLN A 267 5.19 -8.08 7.61
N ILE A 268 4.39 -8.63 6.70
CA ILE A 268 4.43 -10.06 6.45
C ILE A 268 4.54 -10.35 4.95
N GLY A 269 5.38 -11.32 4.61
CA GLY A 269 5.62 -11.69 3.24
C GLY A 269 5.88 -13.19 3.13
N ILE A 270 6.53 -13.57 2.04
CA ILE A 270 6.83 -14.98 1.76
C ILE A 270 8.13 -14.99 0.97
N THR A 271 8.92 -16.05 1.13
CA THR A 271 10.18 -16.15 0.39
C THR A 271 10.12 -17.19 -0.72
N LEU A 272 10.41 -16.75 -1.94
CA LEU A 272 10.43 -17.63 -3.11
C LEU A 272 11.83 -17.74 -3.67
N VAL A 273 12.17 -18.89 -4.25
CA VAL A 273 13.43 -19.07 -4.92
C VAL A 273 13.15 -19.33 -6.38
N THR A 274 13.96 -18.74 -7.24
CA THR A 274 13.94 -19.15 -8.62
C THR A 274 15.32 -18.98 -9.20
N TYR A 275 15.62 -19.82 -10.18
CA TYR A 275 16.77 -19.62 -11.03
C TYR A 275 16.36 -18.66 -12.11
N TRP A 276 17.30 -17.86 -12.58
CA TRP A 276 17.04 -17.01 -13.75
C TRP A 276 17.26 -17.85 -14.99
N MET A 277 16.29 -17.85 -15.91
CA MET A 277 16.33 -18.75 -17.06
C MET A 277 16.75 -18.01 -18.34
N ILE A 278 17.80 -18.51 -18.98
CA ILE A 278 18.29 -17.92 -20.22
C ILE A 278 18.10 -18.92 -21.38
N PRO A 279 17.49 -18.49 -22.50
CA PRO A 279 17.30 -19.47 -23.59
C PRO A 279 18.64 -20.00 -24.08
N TYR A 280 18.72 -21.33 -24.26
CA TYR A 280 19.95 -21.95 -24.71
C TYR A 280 20.38 -21.39 -26.07
N SER A 281 19.40 -21.15 -26.94
CA SER A 281 19.66 -20.54 -28.24
C SER A 281 18.66 -19.42 -28.52
N ASN A 282 18.84 -18.71 -29.64
CA ASN A 282 17.89 -17.66 -30.03
C ASN A 282 16.57 -18.18 -30.60
N SER A 283 16.42 -19.50 -30.69
CA SER A 283 15.20 -20.05 -31.27
C SER A 283 13.95 -19.73 -30.42
N LYS A 284 12.80 -19.61 -31.10
CA LYS A 284 11.52 -19.48 -30.44
C LYS A 284 11.30 -20.66 -29.49
N ALA A 285 11.72 -21.86 -29.91
CA ALA A 285 11.53 -23.06 -29.10
C ALA A 285 12.25 -22.94 -27.76
N ASP A 286 13.47 -22.42 -27.79
CA ASP A 286 14.25 -22.30 -26.56
C ASP A 286 13.82 -21.09 -25.74
N LYS A 287 13.41 -20.02 -26.41
CA LYS A 287 12.88 -18.84 -25.70
C LYS A 287 11.66 -19.24 -24.92
N ASP A 288 10.76 -19.97 -25.57
CA ASP A 288 9.55 -20.45 -24.92
C ASP A 288 9.86 -21.43 -23.81
N ALA A 289 10.83 -22.31 -24.04
CA ALA A 289 11.22 -23.28 -23.02
C ALA A 289 11.74 -22.56 -21.79
N ALA A 290 12.60 -21.55 -21.99
CA ALA A 290 13.13 -20.78 -20.85
C ALA A 290 11.98 -20.16 -20.03
N GLN A 291 10.99 -19.58 -20.72
CA GLN A 291 9.84 -19.00 -19.99
C GLN A 291 8.98 -20.06 -19.29
N ARG A 292 8.79 -21.23 -19.92
CA ARG A 292 8.09 -22.32 -19.25
C ARG A 292 8.83 -22.73 -17.96
N ALA A 293 10.15 -22.83 -18.05
CA ALA A 293 10.96 -23.20 -16.88
C ALA A 293 10.74 -22.20 -15.75
N LEU A 294 10.72 -20.91 -16.10
CA LEU A 294 10.47 -19.83 -15.13
C LEU A 294 9.02 -19.89 -14.63
N ASP A 295 8.07 -20.14 -15.53
CA ASP A 295 6.67 -20.30 -15.13
C ASP A 295 6.50 -21.39 -14.07
N PHE A 296 7.13 -22.54 -14.30
CA PHE A 296 6.90 -23.72 -13.45
C PHE A 296 7.60 -23.61 -12.10
N MET A 297 8.71 -22.88 -12.07
CA MET A 297 9.47 -22.74 -10.83
C MET A 297 9.01 -21.51 -10.03
N TYR A 298 8.92 -20.38 -10.72
CA TYR A 298 8.63 -19.09 -10.09
C TYR A 298 7.14 -18.78 -10.18
N GLY A 299 6.60 -18.86 -11.40
CA GLY A 299 5.24 -18.40 -11.67
C GLY A 299 4.20 -19.20 -10.91
N TRP A 300 4.49 -20.49 -10.73
CA TRP A 300 3.70 -21.39 -9.88
C TRP A 300 3.24 -20.75 -8.57
N PHE A 301 4.09 -19.89 -8.01
CA PHE A 301 3.77 -19.21 -6.75
C PHE A 301 3.45 -17.72 -6.95
N ILE A 302 4.26 -17.03 -7.74
CA ILE A 302 4.12 -15.58 -7.79
C ILE A 302 2.88 -15.22 -8.61
N GLU A 303 2.45 -16.06 -9.55
CA GLU A 303 1.24 -15.69 -10.28
C GLU A 303 -0.01 -15.86 -9.40
N PRO A 304 -0.11 -16.97 -8.62
CA PRO A 304 -1.19 -16.95 -7.61
C PRO A 304 -1.09 -15.76 -6.64
N LEU A 305 0.11 -15.41 -6.19
CA LEU A 305 0.23 -14.35 -5.19
C LEU A 305 -0.09 -12.96 -5.79
N SER A 306 0.08 -12.82 -7.10
CA SER A 306 -0.09 -11.52 -7.76
C SER A 306 -1.44 -11.44 -8.46
N PHE A 307 -1.88 -12.56 -9.04
CA PHE A 307 -3.07 -12.58 -9.89
C PHE A 307 -4.20 -13.48 -9.37
N GLY A 308 -3.91 -14.30 -8.37
CA GLY A 308 -4.89 -15.25 -7.88
C GLY A 308 -5.15 -16.41 -8.82
N GLU A 309 -4.18 -16.68 -9.70
CA GLU A 309 -4.30 -17.74 -10.71
C GLU A 309 -2.92 -18.32 -11.06
N TYR A 310 -2.88 -19.60 -11.41
CA TYR A 310 -1.65 -20.25 -11.84
C TYR A 310 -1.24 -19.79 -13.24
N PRO A 311 0.05 -19.92 -13.59
CA PRO A 311 0.47 -19.53 -14.95
C PRO A 311 -0.31 -20.24 -16.04
N LYS A 312 -0.55 -19.55 -17.16
CA LYS A 312 -1.28 -20.15 -18.27
C LYS A 312 -0.58 -21.41 -18.81
N SER A 313 0.75 -21.40 -18.86
CA SER A 313 1.47 -22.55 -19.38
C SER A 313 1.24 -23.78 -18.49
N MET A 314 1.12 -23.56 -17.18
CA MET A 314 0.89 -24.69 -16.28
C MET A 314 -0.53 -25.21 -16.43
N ARG A 315 -1.49 -24.30 -16.55
CA ARG A 315 -2.88 -24.73 -16.79
C ARG A 315 -2.93 -25.58 -18.05
N ARG A 316 -2.23 -25.12 -19.09
CA ARG A 316 -2.24 -25.78 -20.40
C ARG A 316 -1.55 -27.14 -20.38
N LEU A 317 -0.37 -27.21 -19.79
CA LEU A 317 0.42 -28.44 -19.83
C LEU A 317 0.05 -29.43 -18.73
N VAL A 318 -0.36 -28.94 -17.56
CA VAL A 318 -0.62 -29.82 -16.44
C VAL A 318 -2.08 -30.23 -16.39
N GLY A 319 -2.95 -29.37 -16.93
CA GLY A 319 -4.37 -29.65 -16.95
C GLY A 319 -4.98 -29.94 -15.59
N LYS A 320 -5.81 -30.97 -15.52
CA LYS A 320 -6.59 -31.18 -14.30
C LYS A 320 -5.76 -31.74 -13.16
N ARG A 321 -4.48 -32.03 -13.40
CA ARG A 321 -3.59 -32.35 -12.29
C ARG A 321 -3.24 -31.08 -11.51
N LEU A 322 -3.53 -29.92 -12.09
CA LEU A 322 -3.28 -28.65 -11.42
C LEU A 322 -4.56 -28.14 -10.78
N PRO A 323 -4.58 -28.04 -9.44
CA PRO A 323 -5.78 -27.62 -8.75
C PRO A 323 -6.21 -26.24 -9.19
N ARG A 324 -7.50 -25.95 -9.04
CA ARG A 324 -8.03 -24.62 -9.33
C ARG A 324 -8.35 -23.90 -8.03
N PHE A 325 -8.11 -22.60 -7.98
CA PHE A 325 -8.54 -21.80 -6.84
C PHE A 325 -10.04 -21.51 -6.98
N THR A 326 -10.81 -21.71 -5.92
CA THR A 326 -12.18 -21.23 -5.91
C THR A 326 -12.14 -19.70 -5.95
N LYS A 327 -13.28 -19.07 -6.22
CA LYS A 327 -13.35 -17.62 -6.19
C LYS A 327 -12.85 -17.07 -4.84
N GLU A 328 -13.27 -17.71 -3.75
CA GLU A 328 -12.88 -17.24 -2.42
C GLU A 328 -11.39 -17.44 -2.18
N GLN A 329 -10.88 -18.62 -2.53
CA GLN A 329 -9.45 -18.91 -2.42
C GLN A 329 -8.58 -17.96 -3.23
N ALA A 330 -8.98 -17.65 -4.46
CA ALA A 330 -8.23 -16.71 -5.31
C ALA A 330 -8.12 -15.33 -4.65
N MET A 331 -9.22 -14.87 -4.08
CA MET A 331 -9.26 -13.57 -3.40
C MET A 331 -8.36 -13.59 -2.16
N LEU A 332 -8.33 -14.73 -1.48
CA LEU A 332 -7.50 -14.89 -0.30
C LEU A 332 -6.00 -14.89 -0.63
N VAL A 333 -5.65 -15.55 -1.72
CA VAL A 333 -4.24 -15.69 -2.08
C VAL A 333 -3.68 -14.47 -2.79
N LYS A 334 -4.47 -13.90 -3.70
CA LYS A 334 -4.06 -12.71 -4.44
C LYS A 334 -3.79 -11.53 -3.51
N GLY A 335 -2.61 -10.94 -3.63
CA GLY A 335 -2.27 -9.77 -2.83
C GLY A 335 -1.88 -10.08 -1.40
N SER A 336 -1.67 -11.35 -1.09
CA SER A 336 -1.41 -11.77 0.29
C SER A 336 0.06 -11.62 0.71
N PHE A 337 0.66 -10.47 0.43
CA PHE A 337 1.98 -10.15 0.97
C PHE A 337 2.24 -8.63 0.96
N ASP A 338 2.90 -8.17 2.02
CA ASP A 338 3.39 -6.79 2.14
C ASP A 338 4.70 -6.63 1.40
N PHE A 339 5.47 -7.72 1.36
CA PHE A 339 6.73 -7.75 0.65
C PHE A 339 7.01 -9.14 0.12
N LEU A 340 7.83 -9.21 -0.92
CA LEU A 340 8.26 -10.47 -1.51
C LEU A 340 9.73 -10.72 -1.15
N GLY A 341 10.00 -11.86 -0.53
CA GLY A 341 11.38 -12.27 -0.35
C GLY A 341 11.84 -13.11 -1.52
N LEU A 342 13.00 -12.77 -2.08
CA LEU A 342 13.57 -13.56 -3.17
C LEU A 342 14.92 -14.14 -2.76
N ASN A 343 15.06 -15.44 -2.99
CA ASN A 343 16.32 -16.12 -2.84
C ASN A 343 16.92 -16.29 -4.22
N TYR A 344 18.10 -15.72 -4.46
CA TYR A 344 18.72 -15.81 -5.75
C TYR A 344 20.10 -16.42 -5.65
N TYR A 345 20.36 -17.44 -6.47
CA TYR A 345 21.67 -18.05 -6.51
C TYR A 345 22.28 -18.06 -7.90
N ILE A 346 21.53 -18.56 -8.87
CA ILE A 346 22.13 -18.89 -10.16
C ILE A 346 21.22 -18.59 -11.33
N ALA A 347 21.81 -18.65 -12.52
CA ALA A 347 21.06 -18.68 -13.76
C ALA A 347 21.36 -20.01 -14.44
N ASN A 348 20.45 -20.46 -15.30
CA ASN A 348 20.67 -21.65 -16.13
C ASN A 348 20.25 -21.37 -17.56
N TYR A 349 20.94 -22.00 -18.50
CA TYR A 349 20.44 -22.09 -19.88
C TYR A 349 19.26 -23.05 -19.91
N VAL A 350 18.30 -22.81 -20.80
CA VAL A 350 17.17 -23.75 -20.94
C VAL A 350 16.98 -24.21 -22.38
N LEU A 351 16.84 -25.52 -22.54
CA LEU A 351 16.57 -26.17 -23.82
C LEU A 351 15.14 -26.67 -23.89
N ASN A 352 14.50 -26.47 -25.05
CA ASN A 352 13.25 -27.12 -25.37
C ASN A 352 13.37 -28.65 -25.30
N VAL A 353 12.33 -29.29 -24.80
CA VAL A 353 12.26 -30.74 -24.77
C VAL A 353 11.00 -31.16 -25.49
N PRO A 354 11.15 -31.79 -26.66
CA PRO A 354 9.96 -32.19 -27.40
C PRO A 354 9.11 -33.18 -26.62
N THR A 355 7.80 -33.17 -26.85
CA THR A 355 6.92 -34.20 -26.31
C THR A 355 7.38 -35.58 -26.77
N SER A 356 6.97 -36.61 -26.05
CA SER A 356 7.26 -37.99 -26.44
C SER A 356 6.00 -38.86 -26.39
N ASN A 357 6.16 -40.15 -26.70
CA ASN A 357 5.10 -41.12 -26.48
C ASN A 357 5.37 -41.90 -25.20
N SER A 358 6.42 -41.47 -24.49
CA SER A 358 6.88 -42.15 -23.28
C SER A 358 6.63 -41.32 -22.02
N VAL A 359 5.58 -41.67 -21.27
CA VAL A 359 5.11 -40.83 -20.17
C VAL A 359 5.74 -41.14 -18.81
N ASN A 360 6.97 -40.67 -18.58
CA ASN A 360 7.46 -40.56 -17.21
C ASN A 360 6.82 -39.33 -16.60
N LEU A 361 5.65 -39.51 -16.02
CA LEU A 361 4.84 -38.38 -15.61
C LEU A 361 5.39 -37.73 -14.32
N SER A 362 5.73 -36.45 -14.41
CA SER A 362 6.23 -35.72 -13.25
C SER A 362 6.14 -34.22 -13.45
N TYR A 363 6.07 -33.49 -12.34
CA TYR A 363 6.19 -32.04 -12.39
C TYR A 363 7.41 -31.63 -13.22
N THR A 364 8.52 -32.34 -13.03
CA THR A 364 9.76 -31.97 -13.72
C THR A 364 9.63 -32.04 -15.24
N THR A 365 9.03 -33.11 -15.76
CA THR A 365 8.93 -33.27 -17.20
C THR A 365 7.71 -32.53 -17.79
N ASP A 366 6.77 -32.12 -16.94
CA ASP A 366 5.58 -31.39 -17.40
C ASP A 366 5.94 -30.10 -18.18
N SER A 367 7.02 -29.44 -17.80
CA SER A 367 7.36 -28.13 -18.39
C SER A 367 7.99 -28.18 -19.78
N LEU A 368 8.28 -29.38 -20.27
CA LEU A 368 8.94 -29.56 -21.56
C LEU A 368 10.19 -28.68 -21.68
N SER A 369 11.01 -28.69 -20.64
CA SER A 369 12.20 -27.85 -20.62
C SER A 369 13.30 -28.59 -19.91
N ASN A 370 14.54 -28.26 -20.27
CA ASN A 370 15.69 -28.87 -19.65
C ASN A 370 16.72 -27.82 -19.30
N GLN A 371 17.06 -27.72 -18.02
CA GLN A 371 18.05 -26.75 -17.59
C GLN A 371 19.46 -27.30 -17.61
N THR A 372 20.39 -26.45 -18.05
CA THR A 372 21.80 -26.78 -18.04
C THR A 372 22.63 -25.51 -17.79
N ALA A 373 23.72 -25.64 -17.04
CA ALA A 373 24.60 -24.51 -16.74
C ALA A 373 25.62 -24.29 -17.86
N PHE A 374 25.57 -25.15 -18.88
CA PHE A 374 26.59 -25.15 -19.93
C PHE A 374 25.97 -24.90 -21.29
N ARG A 375 26.63 -24.04 -22.08
CA ARG A 375 26.27 -23.84 -23.47
C ARG A 375 27.48 -24.17 -24.30
N ASN A 376 27.34 -25.16 -25.16
CA ASN A 376 28.45 -25.61 -25.97
C ASN A 376 29.59 -26.10 -25.08
N GLY A 377 29.24 -26.64 -23.92
CA GLY A 377 30.23 -27.18 -22.99
C GLY A 377 30.80 -26.17 -22.00
N VAL A 378 30.58 -24.88 -22.28
CA VAL A 378 31.17 -23.81 -21.46
C VAL A 378 30.18 -23.29 -20.44
N ALA A 379 30.62 -23.16 -19.19
CA ALA A 379 29.73 -22.72 -18.11
C ALA A 379 29.24 -21.28 -18.29
N ILE A 380 28.07 -21.05 -17.71
CA ILE A 380 27.39 -19.76 -17.76
C ILE A 380 28.09 -18.67 -16.93
N GLY A 381 28.98 -19.06 -16.02
CA GLY A 381 29.71 -18.07 -15.24
C GLY A 381 30.87 -18.71 -14.49
N ARG A 382 31.53 -17.96 -13.59
CA ARG A 382 32.62 -18.51 -12.77
C ARG A 382 32.16 -19.69 -11.94
N PRO A 383 32.97 -20.73 -11.88
CA PRO A 383 32.65 -21.88 -11.01
C PRO A 383 32.65 -21.49 -9.53
N THR A 384 31.90 -22.24 -8.74
CA THR A 384 31.97 -22.18 -7.29
C THR A 384 32.32 -23.56 -6.78
N GLY A 385 32.21 -23.76 -5.48
CA GLY A 385 32.48 -25.05 -4.91
C GLY A 385 31.32 -26.01 -5.10
N VAL A 386 30.21 -25.49 -5.61
CA VAL A 386 29.01 -26.30 -5.82
C VAL A 386 28.88 -26.58 -7.32
N PRO A 387 28.88 -27.86 -7.71
CA PRO A 387 28.95 -28.24 -9.14
C PRO A 387 27.90 -27.59 -10.04
N ALA A 388 26.65 -27.49 -9.60
CA ALA A 388 25.63 -26.92 -10.50
C ALA A 388 25.61 -25.39 -10.50
N PHE A 389 26.31 -24.78 -9.53
CA PHE A 389 26.16 -23.36 -9.26
C PHE A 389 27.30 -22.48 -9.80
N PHE A 390 26.99 -21.66 -10.80
CA PHE A 390 27.98 -20.74 -11.36
C PHE A 390 27.59 -19.28 -11.07
N MET A 391 28.57 -18.38 -11.08
CA MET A 391 28.28 -16.99 -10.76
C MET A 391 27.69 -16.26 -11.95
N TYR A 392 26.44 -15.83 -11.80
CA TYR A 392 25.81 -15.00 -12.82
C TYR A 392 25.12 -13.80 -12.18
N PRO A 393 25.92 -12.79 -11.76
CA PRO A 393 25.34 -11.65 -11.05
C PRO A 393 24.32 -10.84 -11.86
N LYS A 394 24.44 -10.82 -13.19
CA LYS A 394 23.45 -10.15 -14.03
C LYS A 394 22.03 -10.67 -13.77
N GLY A 395 21.91 -11.96 -13.52
CA GLY A 395 20.62 -12.57 -13.33
C GLY A 395 19.84 -12.08 -12.12
N LEU A 396 20.53 -11.50 -11.14
CA LEU A 396 19.85 -10.93 -9.99
C LEU A 396 19.07 -9.69 -10.44
N LYS A 397 19.73 -8.80 -11.17
CA LYS A 397 19.04 -7.62 -11.70
C LYS A 397 17.96 -8.03 -12.72
N ASP A 398 18.29 -8.97 -13.60
CA ASP A 398 17.34 -9.46 -14.58
C ASP A 398 16.06 -9.96 -13.90
N LEU A 399 16.22 -10.76 -12.85
CA LEU A 399 15.08 -11.27 -12.09
C LEU A 399 14.28 -10.15 -11.41
N LEU A 400 14.99 -9.18 -10.86
CA LEU A 400 14.37 -8.10 -10.12
C LEU A 400 13.58 -7.19 -11.07
N VAL A 401 14.17 -6.88 -12.23
CA VAL A 401 13.45 -6.04 -13.21
C VAL A 401 12.22 -6.76 -13.77
N TYR A 402 12.37 -8.05 -14.06
CA TYR A 402 11.24 -8.88 -14.51
C TYR A 402 10.11 -8.86 -13.49
N THR A 403 10.46 -9.01 -12.22
CA THR A 403 9.48 -9.07 -11.14
C THR A 403 8.75 -7.74 -11.00
N LYS A 404 9.53 -6.66 -11.02
CA LYS A 404 8.98 -5.30 -11.02
C LYS A 404 7.99 -5.12 -12.16
N GLU A 405 8.40 -5.48 -13.37
CA GLU A 405 7.57 -5.24 -14.55
C GLU A 405 6.35 -6.14 -14.65
N LYS A 406 6.43 -7.39 -14.19
CA LYS A 406 5.28 -8.30 -14.33
C LYS A 406 4.30 -8.27 -13.16
N TYR A 407 4.80 -8.02 -11.95
CA TYR A 407 3.98 -8.15 -10.75
C TYR A 407 3.83 -6.83 -10.01
N ASN A 408 3.70 -5.75 -10.76
CA ASN A 408 3.30 -4.47 -10.20
C ASN A 408 4.24 -3.89 -9.14
N ASP A 409 5.54 -3.87 -9.44
CA ASP A 409 6.50 -3.12 -8.63
C ASP A 409 6.42 -3.44 -7.13
N PRO A 410 6.52 -4.72 -6.74
CA PRO A 410 6.40 -5.00 -5.30
C PRO A 410 7.62 -4.56 -4.49
N VAL A 411 7.41 -4.42 -3.19
CA VAL A 411 8.51 -4.27 -2.24
C VAL A 411 9.23 -5.61 -2.11
N ILE A 412 10.54 -5.59 -2.24
CA ILE A 412 11.31 -6.84 -2.26
C ILE A 412 12.44 -6.84 -1.24
N TYR A 413 12.65 -7.99 -0.60
CA TYR A 413 13.89 -8.24 0.13
C TYR A 413 14.62 -9.38 -0.54
N ILE A 414 15.93 -9.25 -0.74
CA ILE A 414 16.73 -10.38 -1.17
C ILE A 414 16.99 -11.22 0.09
N THR A 415 16.22 -12.29 0.27
CA THR A 415 16.27 -12.97 1.56
C THR A 415 17.36 -14.04 1.60
N GLU A 416 17.87 -14.42 0.44
CA GLU A 416 19.10 -15.22 0.39
C GLU A 416 19.91 -14.91 -0.87
N ASN A 417 21.22 -14.82 -0.70
CA ASN A 417 22.15 -14.81 -1.82
C ASN A 417 23.51 -15.25 -1.30
N GLY A 418 24.15 -16.19 -1.97
CA GLY A 418 25.44 -16.69 -1.51
C GLY A 418 26.01 -17.79 -2.38
N MET A 419 27.16 -18.31 -1.99
CA MET A 419 27.83 -19.37 -2.73
C MET A 419 28.47 -20.34 -1.75
N GLY A 420 28.70 -21.57 -2.20
CA GLY A 420 29.32 -22.58 -1.37
C GLY A 420 30.71 -22.97 -1.80
N ASP A 421 31.57 -23.20 -0.81
CA ASP A 421 32.87 -23.84 -1.00
C ASP A 421 32.73 -25.32 -0.68
N ASN A 422 33.55 -26.16 -1.30
CA ASN A 422 33.59 -27.57 -0.92
C ASN A 422 34.36 -27.75 0.38
N ASN A 423 33.91 -28.66 1.22
CA ASN A 423 34.49 -28.86 2.54
C ASN A 423 35.67 -29.83 2.51
N ASN A 424 36.78 -29.42 1.90
CA ASN A 424 37.95 -30.30 1.85
C ASN A 424 39.26 -29.53 1.84
N VAL A 425 39.28 -28.41 2.54
CA VAL A 425 40.53 -27.72 2.83
C VAL A 425 40.59 -27.52 4.34
N THR A 426 41.70 -26.97 4.81
CA THR A 426 41.86 -26.79 6.24
C THR A 426 41.11 -25.56 6.71
N THR A 427 40.94 -25.43 8.02
CA THR A 427 40.29 -24.27 8.60
C THR A 427 40.99 -23.00 8.14
N GLU A 428 42.33 -23.01 8.21
CA GLU A 428 43.08 -21.81 7.88
C GLU A 428 42.87 -21.39 6.43
N GLU A 429 42.77 -22.36 5.53
CA GLU A 429 42.51 -22.02 4.12
C GLU A 429 41.03 -21.71 3.85
N GLY A 430 40.14 -22.37 4.57
CA GLY A 430 38.71 -22.18 4.39
C GLY A 430 38.27 -20.77 4.75
N ILE A 431 38.99 -20.17 5.68
CA ILE A 431 38.69 -18.83 6.15
C ILE A 431 39.07 -17.78 5.10
N LYS A 432 40.10 -18.07 4.32
CA LYS A 432 40.46 -17.20 3.21
C LYS A 432 39.52 -17.47 2.04
N ASP A 433 38.53 -16.61 1.84
CA ASP A 433 37.57 -16.83 0.76
C ASP A 433 37.38 -15.64 -0.18
N PRO A 434 38.47 -15.24 -0.88
CA PRO A 434 38.37 -14.11 -1.81
C PRO A 434 37.31 -14.32 -2.88
N GLN A 435 37.04 -15.57 -3.23
CA GLN A 435 36.03 -15.90 -4.24
C GLN A 435 34.63 -15.51 -3.74
N ARG A 436 34.43 -15.53 -2.43
CA ARG A 436 33.13 -15.12 -1.89
C ARG A 436 33.08 -13.61 -1.76
N VAL A 437 34.23 -13.00 -1.49
CA VAL A 437 34.33 -11.54 -1.49
C VAL A 437 33.97 -11.04 -2.89
N TYR A 438 34.55 -11.69 -3.90
CA TYR A 438 34.25 -11.37 -5.28
C TYR A 438 32.76 -11.53 -5.57
N PHE A 439 32.20 -12.65 -5.11
CA PHE A 439 30.80 -12.97 -5.34
C PHE A 439 29.89 -11.87 -4.81
N TYR A 440 30.17 -11.41 -3.59
CA TYR A 440 29.29 -10.46 -2.94
C TYR A 440 29.46 -9.06 -3.54
N ASN A 441 30.69 -8.70 -3.88
CA ASN A 441 30.93 -7.44 -4.55
C ASN A 441 30.15 -7.35 -5.86
N GLN A 442 30.22 -8.42 -6.66
CA GLN A 442 29.54 -8.43 -7.95
C GLN A 442 28.02 -8.44 -7.81
N HIS A 443 27.50 -9.21 -6.86
CA HIS A 443 26.04 -9.27 -6.74
C HIS A 443 25.47 -7.99 -6.10
N LEU A 444 26.20 -7.41 -5.17
CA LEU A 444 25.72 -6.15 -4.60
C LEU A 444 25.81 -5.03 -5.63
N LEU A 445 26.81 -5.06 -6.49
CA LEU A 445 26.84 -4.08 -7.59
C LEU A 445 25.63 -4.26 -8.51
N SER A 446 25.29 -5.52 -8.79
CA SER A 446 24.12 -5.82 -9.61
C SER A 446 22.84 -5.38 -8.91
N LEU A 447 22.77 -5.62 -7.60
CA LEU A 447 21.63 -5.16 -6.81
C LEU A 447 21.51 -3.64 -6.86
N LYS A 448 22.64 -2.94 -6.75
CA LYS A 448 22.62 -1.48 -6.84
C LYS A 448 22.03 -1.02 -8.17
N ASN A 449 22.45 -1.65 -9.26
CA ASN A 449 21.90 -1.40 -10.58
C ASN A 449 20.40 -1.63 -10.66
N ALA A 450 19.92 -2.67 -9.99
CA ALA A 450 18.49 -2.96 -10.01
C ALA A 450 17.70 -1.86 -9.29
N ILE A 451 18.25 -1.38 -8.18
CA ILE A 451 17.61 -0.32 -7.44
C ILE A 451 17.56 0.96 -8.27
N ALA A 452 18.64 1.21 -9.01
CA ALA A 452 18.71 2.40 -9.88
C ALA A 452 17.75 2.26 -11.05
N ALA A 453 17.35 1.02 -11.37
CA ALA A 453 16.34 0.78 -12.38
C ALA A 453 14.93 0.82 -11.78
N GLY A 454 14.80 1.21 -10.51
CA GLY A 454 13.50 1.43 -9.92
C GLY A 454 12.88 0.27 -9.16
N VAL A 455 13.64 -0.81 -8.97
CA VAL A 455 13.12 -1.94 -8.20
C VAL A 455 13.13 -1.61 -6.70
N LYS A 456 12.00 -1.86 -6.04
CA LYS A 456 11.88 -1.43 -4.64
C LYS A 456 12.44 -2.44 -3.64
N VAL A 457 13.75 -2.64 -3.69
CA VAL A 457 14.45 -3.53 -2.79
C VAL A 457 14.76 -2.81 -1.47
N LYS A 458 14.46 -3.47 -0.35
CA LYS A 458 14.58 -2.80 0.95
C LYS A 458 15.62 -3.45 1.84
N GLY A 459 16.19 -4.57 1.39
CA GLY A 459 17.17 -5.27 2.18
C GLY A 459 17.76 -6.48 1.48
N TYR A 460 18.79 -7.06 2.11
CA TYR A 460 19.63 -8.08 1.51
C TYR A 460 20.27 -8.96 2.58
N PHE A 461 20.11 -10.27 2.43
CA PHE A 461 20.61 -11.22 3.41
C PHE A 461 21.54 -12.22 2.75
N THR A 462 22.72 -12.39 3.34
CA THR A 462 23.65 -13.42 2.89
C THR A 462 23.22 -14.81 3.37
N TRP A 463 23.07 -15.77 2.45
CA TRP A 463 23.12 -17.17 2.87
C TRP A 463 24.57 -17.60 2.74
N ALA A 464 25.23 -17.97 3.83
CA ALA A 464 24.65 -18.11 5.16
C ALA A 464 25.48 -17.38 6.21
N PHE A 465 24.91 -17.22 7.40
CA PHE A 465 25.64 -16.69 8.54
C PHE A 465 26.82 -17.62 8.85
N LEU A 466 26.50 -18.88 9.13
CA LEU A 466 27.49 -19.91 9.44
C LEU A 466 27.46 -21.00 8.38
N ASP A 467 28.60 -21.68 8.17
CA ASP A 467 28.58 -22.96 7.49
C ASP A 467 27.64 -23.84 8.30
N ASN A 468 26.78 -24.59 7.63
CA ASN A 468 25.70 -25.28 8.31
C ASN A 468 25.33 -26.60 7.64
N PHE A 469 24.22 -27.19 8.07
CA PHE A 469 23.70 -28.40 7.46
C PHE A 469 22.93 -28.06 6.18
N GLU A 470 23.57 -28.22 5.03
CA GLU A 470 22.97 -27.84 3.77
C GLU A 470 22.08 -28.95 3.20
N TRP A 471 21.08 -29.34 3.99
CA TRP A 471 20.05 -30.31 3.60
C TRP A 471 20.67 -31.60 3.01
N LEU A 472 20.39 -31.90 1.74
CA LEU A 472 20.87 -33.15 1.14
C LEU A 472 22.40 -33.16 0.97
N SER A 473 23.04 -31.99 1.02
CA SER A 473 24.49 -31.93 0.89
C SER A 473 25.22 -32.07 2.23
N GLY A 474 24.45 -32.21 3.31
CA GLY A 474 25.03 -32.31 4.65
C GLY A 474 26.02 -31.20 4.91
N TYR A 475 27.22 -31.58 5.36
CA TYR A 475 28.23 -30.58 5.70
C TYR A 475 29.32 -30.50 4.62
N THR A 476 29.02 -30.98 3.42
CA THR A 476 30.02 -30.96 2.36
C THR A 476 30.12 -29.61 1.67
N GLN A 477 29.15 -28.74 1.89
CA GLN A 477 29.18 -27.42 1.26
C GLN A 477 29.17 -26.32 2.31
N ARG A 478 30.10 -25.38 2.18
CA ARG A 478 30.23 -24.27 3.13
C ARG A 478 29.76 -22.96 2.50
N PHE A 479 28.57 -22.51 2.90
CA PHE A 479 27.99 -21.26 2.41
C PHE A 479 28.22 -20.04 3.32
N GLY A 480 28.77 -20.26 4.51
CA GLY A 480 28.87 -19.21 5.52
C GLY A 480 29.80 -18.05 5.18
N ILE A 481 29.54 -16.88 5.75
CA ILE A 481 30.55 -15.84 5.83
C ILE A 481 31.35 -16.02 7.12
N VAL A 482 30.89 -16.97 7.94
CA VAL A 482 31.62 -17.37 9.14
C VAL A 482 31.88 -18.87 9.05
N TYR A 483 33.14 -19.23 9.22
CA TYR A 483 33.56 -20.63 9.15
C TYR A 483 33.19 -21.37 10.43
N VAL A 484 32.71 -22.60 10.31
CA VAL A 484 32.50 -23.44 11.48
C VAL A 484 33.36 -24.69 11.40
N ASP A 485 34.24 -24.86 12.37
CA ASP A 485 35.15 -26.00 12.36
C ASP A 485 34.46 -27.17 13.03
N PHE A 486 33.76 -27.98 12.24
CA PHE A 486 32.98 -29.08 12.77
C PHE A 486 33.86 -30.14 13.42
N LYS A 487 35.11 -30.24 12.95
CA LYS A 487 36.06 -31.22 13.47
C LYS A 487 36.72 -30.75 14.75
N ASP A 488 36.55 -29.48 15.10
CA ASP A 488 37.16 -28.93 16.31
C ASP A 488 36.14 -28.16 17.16
N GLY A 489 35.16 -28.88 17.70
CA GLY A 489 34.22 -28.31 18.65
C GLY A 489 33.32 -27.20 18.12
N LEU A 490 33.06 -27.22 16.82
CA LEU A 490 32.17 -26.25 16.16
C LEU A 490 32.63 -24.80 16.34
N LYS A 491 33.94 -24.58 16.37
CA LYS A 491 34.45 -23.22 16.58
C LYS A 491 34.16 -22.26 15.41
N ARG A 492 33.75 -21.05 15.76
CA ARG A 492 33.45 -20.03 14.76
C ARG A 492 34.66 -19.18 14.41
N TYR A 493 34.88 -18.98 13.11
CA TYR A 493 35.87 -18.04 12.59
C TYR A 493 35.29 -17.19 11.48
N PRO A 494 35.22 -15.86 11.67
CA PRO A 494 34.80 -14.97 10.58
C PRO A 494 35.71 -15.13 9.36
N LYS A 495 35.12 -15.32 8.18
CA LYS A 495 35.90 -15.45 6.93
C LYS A 495 36.28 -14.07 6.41
N HIS A 496 37.10 -14.01 5.37
CA HIS A 496 37.45 -12.71 4.80
C HIS A 496 36.19 -12.01 4.28
N SER A 497 35.22 -12.80 3.80
CA SER A 497 33.97 -12.21 3.34
C SER A 497 33.23 -11.50 4.46
N ALA A 498 33.24 -12.08 5.65
CA ALA A 498 32.62 -11.43 6.82
C ALA A 498 33.34 -10.13 7.15
N LEU A 499 34.66 -10.14 7.06
CA LEU A 499 35.42 -8.94 7.37
C LEU A 499 35.24 -7.89 6.28
N TRP A 500 35.04 -8.34 5.05
CA TRP A 500 34.73 -7.44 3.95
C TRP A 500 33.37 -6.79 4.13
N PHE A 501 32.39 -7.60 4.53
CA PHE A 501 31.04 -7.13 4.83
C PHE A 501 31.08 -6.07 5.95
N LYS A 502 31.87 -6.37 7.00
CA LYS A 502 32.03 -5.45 8.13
C LYS A 502 32.54 -4.09 7.65
N LYS A 503 33.54 -4.10 6.78
CA LYS A 503 34.09 -2.86 6.22
C LYS A 503 33.06 -2.14 5.36
N PHE A 504 32.41 -2.89 4.47
CA PHE A 504 31.33 -2.39 3.62
C PHE A 504 30.24 -1.68 4.43
N LEU A 505 29.92 -2.25 5.59
CA LEU A 505 28.82 -1.73 6.41
C LEU A 505 29.26 -0.53 7.25
N LEU A 506 30.50 -0.10 7.09
CA LEU A 506 31.07 1.05 7.81
C LEU A 506 31.11 0.78 9.31
N LYS A 507 31.32 -0.48 9.66
CA LYS A 507 31.30 -0.93 11.06
C LYS A 507 32.64 -1.51 11.48
N SER B 33 1.48 8.52 -26.25
CA SER B 33 1.49 9.65 -25.32
C SER B 33 1.23 9.18 -23.89
N PHE B 34 1.48 10.07 -22.94
CA PHE B 34 1.13 9.84 -21.53
C PHE B 34 -0.33 9.37 -21.39
N ASN B 35 -0.53 8.20 -20.76
CA ASN B 35 -1.86 7.58 -20.68
C ASN B 35 -2.09 6.81 -19.39
N ARG B 36 -3.30 6.29 -19.22
CA ARG B 36 -3.73 5.71 -17.95
C ARG B 36 -3.04 4.39 -17.59
N THR B 37 -2.33 3.75 -18.52
CA THR B 37 -1.63 2.52 -18.15
C THR B 37 -0.43 2.79 -17.24
N SER B 38 -0.04 4.06 -17.14
CA SER B 38 0.97 4.49 -16.16
C SER B 38 0.44 4.39 -14.73
N PHE B 39 -0.87 4.26 -14.60
CA PHE B 39 -1.52 4.26 -13.29
C PHE B 39 -2.04 2.86 -12.97
N PRO B 40 -2.27 2.57 -11.66
CA PRO B 40 -2.73 1.24 -11.25
C PRO B 40 -3.97 0.77 -11.99
N ASP B 41 -4.10 -0.54 -12.16
CA ASP B 41 -5.29 -1.11 -12.75
C ASP B 41 -6.50 -0.77 -11.87
N GLY B 42 -7.60 -0.34 -12.51
CA GLY B 42 -8.80 0.00 -11.78
C GLY B 42 -8.78 1.37 -11.10
N PHE B 43 -7.74 2.16 -11.39
CA PHE B 43 -7.63 3.53 -10.89
C PHE B 43 -8.81 4.31 -11.43
N VAL B 44 -9.48 5.07 -10.55
CA VAL B 44 -10.66 5.80 -10.97
C VAL B 44 -10.30 7.22 -11.42
N PHE B 45 -10.50 7.51 -12.69
CA PHE B 45 -10.35 8.87 -13.20
C PHE B 45 -11.73 9.48 -13.39
N GLY B 46 -11.96 10.63 -12.77
CA GLY B 46 -13.26 11.25 -12.86
C GLY B 46 -13.22 12.75 -12.96
N ALA B 47 -14.40 13.36 -12.99
CA ALA B 47 -14.54 14.80 -12.87
C ALA B 47 -15.47 15.08 -11.69
N ALA B 48 -15.47 16.33 -11.24
CA ALA B 48 -16.17 16.69 -10.03
C ALA B 48 -17.16 17.82 -10.25
N SER B 49 -18.14 17.89 -9.35
CA SER B 49 -19.19 18.87 -9.38
C SER B 49 -19.73 19.05 -7.97
N SER B 50 -20.56 20.06 -7.76
CA SER B 50 -21.32 20.14 -6.51
C SER B 50 -22.71 20.69 -6.83
N ALA B 51 -23.67 20.38 -5.95
CA ALA B 51 -25.07 20.70 -6.21
C ALA B 51 -25.34 22.18 -6.40
N TYR B 52 -24.95 23.01 -5.43
CA TYR B 52 -25.28 24.42 -5.57
C TYR B 52 -24.55 25.03 -6.75
N GLN B 53 -23.33 24.58 -7.03
CA GLN B 53 -22.53 25.18 -8.10
C GLN B 53 -22.98 24.80 -9.52
N PHE B 54 -23.71 23.68 -9.65
CA PHE B 54 -24.11 23.14 -10.95
C PHE B 54 -25.62 23.09 -11.23
N GLU B 55 -26.41 22.72 -10.22
CA GLU B 55 -27.79 22.28 -10.46
C GLU B 55 -28.73 23.35 -10.99
N GLY B 56 -28.71 24.54 -10.40
CA GLY B 56 -29.78 25.49 -10.64
C GLY B 56 -31.09 24.96 -10.07
N ALA B 57 -32.21 25.30 -10.72
CA ALA B 57 -33.52 24.86 -10.26
C ALA B 57 -33.69 25.11 -8.76
N ALA B 58 -33.29 26.30 -8.31
CA ALA B 58 -33.11 26.55 -6.89
C ALA B 58 -34.43 26.62 -6.11
N LYS B 59 -35.49 27.01 -6.80
CA LYS B 59 -36.84 27.08 -6.22
C LYS B 59 -37.82 26.14 -6.95
N GLU B 60 -37.27 25.14 -7.64
CA GLU B 60 -38.10 24.22 -8.43
C GLU B 60 -38.05 22.81 -7.87
N GLY B 61 -38.95 21.96 -8.37
CA GLY B 61 -38.93 20.54 -8.05
C GLY B 61 -39.16 20.23 -6.57
N GLY B 62 -39.82 21.16 -5.89
CA GLY B 62 -40.13 21.00 -4.47
C GLY B 62 -39.00 21.37 -3.53
N LYS B 63 -37.86 21.80 -4.07
CA LYS B 63 -36.70 22.14 -3.22
C LYS B 63 -36.96 23.34 -2.31
N GLY B 64 -36.47 23.28 -1.08
CA GLY B 64 -36.55 24.41 -0.16
C GLY B 64 -35.28 25.23 -0.17
N PRO B 65 -35.28 26.36 0.54
CA PRO B 65 -34.14 27.28 0.51
C PRO B 65 -32.94 26.74 1.29
N ASN B 66 -31.73 27.03 0.83
CA ASN B 66 -30.53 26.74 1.59
C ASN B 66 -29.77 28.05 1.83
N ILE B 67 -28.69 27.99 2.61
CA ILE B 67 -28.02 29.20 3.05
C ILE B 67 -27.31 29.91 1.92
N TRP B 68 -27.08 29.20 0.81
CA TRP B 68 -26.38 29.79 -0.33
C TRP B 68 -27.36 30.57 -1.19
N ASP B 69 -28.60 30.06 -1.28
CA ASP B 69 -29.71 30.84 -1.82
C ASP B 69 -29.79 32.17 -1.11
N THR B 70 -29.81 32.10 0.22
CA THR B 70 -29.98 33.28 1.06
C THR B 70 -28.81 34.25 0.95
N PHE B 71 -27.60 33.70 1.05
CA PHE B 71 -26.37 34.48 1.00
C PHE B 71 -26.21 35.26 -0.31
N THR B 72 -26.36 34.57 -1.44
CA THR B 72 -26.16 35.21 -2.75
C THR B 72 -27.23 36.28 -3.02
N HIS B 73 -28.45 36.03 -2.55
CA HIS B 73 -29.51 37.01 -2.74
C HIS B 73 -29.46 38.18 -1.76
N GLU B 74 -29.03 37.93 -0.53
CA GLU B 74 -28.96 39.00 0.46
C GLU B 74 -27.64 39.77 0.48
N PHE B 75 -26.57 39.19 -0.06
CA PHE B 75 -25.28 39.87 -0.09
C PHE B 75 -24.64 39.85 -1.48
N PRO B 76 -25.30 40.48 -2.47
CA PRO B 76 -24.75 40.42 -3.82
C PRO B 76 -23.37 41.10 -3.94
N GLY B 77 -23.01 41.93 -2.96
CA GLY B 77 -21.71 42.57 -2.96
C GLY B 77 -20.58 41.59 -2.67
N LYS B 78 -20.93 40.44 -2.10
CA LYS B 78 -19.95 39.42 -1.75
C LYS B 78 -19.78 38.37 -2.86
N ILE B 79 -20.55 38.50 -3.94
CA ILE B 79 -20.39 37.63 -5.11
C ILE B 79 -19.98 38.50 -6.30
N SER B 80 -18.92 38.12 -7.00
CA SER B 80 -18.52 38.87 -8.20
C SER B 80 -19.72 39.04 -9.13
N ASN B 81 -19.93 40.27 -9.59
CA ASN B 81 -21.05 40.62 -10.48
C ASN B 81 -22.42 40.35 -9.91
N GLY B 82 -22.52 40.15 -8.60
CA GLY B 82 -23.79 39.86 -7.98
C GLY B 82 -24.51 38.70 -8.63
N SER B 83 -23.76 37.67 -8.99
CA SER B 83 -24.32 36.42 -9.53
C SER B 83 -24.95 35.56 -8.44
N THR B 84 -25.74 34.57 -8.86
CA THR B 84 -26.27 33.56 -7.93
C THR B 84 -26.20 32.18 -8.56
N GLY B 85 -26.59 31.18 -7.80
CA GLY B 85 -26.69 29.82 -8.33
C GLY B 85 -28.13 29.44 -8.66
N ASP B 86 -28.98 30.44 -8.86
CA ASP B 86 -30.39 30.22 -9.21
C ASP B 86 -30.53 29.27 -10.40
N VAL B 87 -29.67 29.44 -11.39
CA VAL B 87 -29.70 28.61 -12.60
C VAL B 87 -28.42 27.80 -12.74
N ALA B 88 -27.28 28.42 -12.42
CA ALA B 88 -25.99 27.77 -12.51
C ALA B 88 -25.82 27.13 -13.90
N ASP B 89 -25.43 25.85 -13.94
CA ASP B 89 -25.33 25.13 -15.20
C ASP B 89 -26.64 24.49 -15.63
N ASP B 90 -27.67 24.68 -14.81
CA ASP B 90 -28.96 24.02 -15.00
C ASP B 90 -28.75 22.52 -15.19
N PHE B 91 -27.82 21.97 -14.43
CA PHE B 91 -27.54 20.53 -14.45
C PHE B 91 -28.79 19.72 -14.03
N TYR B 92 -29.65 20.35 -13.23
CA TYR B 92 -30.91 19.71 -12.82
C TYR B 92 -31.73 19.22 -14.01
N HIS B 93 -31.84 20.05 -15.04
CA HIS B 93 -32.58 19.69 -16.25
C HIS B 93 -31.72 19.08 -17.35
N ARG B 94 -30.44 19.40 -17.36
CA ARG B 94 -29.58 19.03 -18.48
C ARG B 94 -28.77 17.77 -18.22
N TYR B 95 -29.05 17.09 -17.12
CA TYR B 95 -28.16 16.02 -16.69
C TYR B 95 -28.00 14.91 -17.73
N LYS B 96 -29.03 14.63 -18.51
CA LYS B 96 -28.91 13.54 -19.48
C LYS B 96 -27.84 13.87 -20.52
N GLU B 97 -27.86 15.10 -21.03
CA GLU B 97 -26.86 15.50 -22.02
C GLU B 97 -25.47 15.59 -21.38
N ASP B 98 -25.40 15.99 -20.12
CA ASP B 98 -24.12 16.09 -19.42
C ASP B 98 -23.47 14.72 -19.18
N VAL B 99 -24.29 13.73 -18.88
CA VAL B 99 -23.78 12.39 -18.63
C VAL B 99 -23.22 11.81 -19.93
N LYS B 100 -23.83 12.18 -21.05
CA LYS B 100 -23.29 11.80 -22.35
C LYS B 100 -21.89 12.41 -22.55
N VAL B 101 -21.67 13.63 -22.07
CA VAL B 101 -20.34 14.24 -22.16
C VAL B 101 -19.32 13.45 -21.35
N LEU B 102 -19.70 13.08 -20.12
CA LEU B 102 -18.82 12.28 -19.26
C LEU B 102 -18.40 10.99 -19.96
N LYS B 103 -19.35 10.32 -20.60
CA LYS B 103 -19.06 9.06 -21.27
C LYS B 103 -18.15 9.32 -22.48
N PHE B 104 -18.39 10.42 -23.17
CA PHE B 104 -17.56 10.83 -24.31
C PHE B 104 -16.08 11.00 -23.92
N ILE B 105 -15.84 11.66 -22.79
CA ILE B 105 -14.49 11.78 -22.24
C ILE B 105 -13.92 10.41 -21.81
N GLY B 106 -14.80 9.53 -21.34
CA GLY B 106 -14.39 8.19 -20.98
C GLY B 106 -14.08 8.01 -19.50
N LEU B 107 -14.65 8.88 -18.69
CA LEU B 107 -14.38 8.89 -17.26
C LEU B 107 -14.87 7.63 -16.54
N ASP B 108 -14.13 7.21 -15.53
CA ASP B 108 -14.50 6.09 -14.65
C ASP B 108 -15.51 6.52 -13.58
N GLY B 109 -15.35 7.75 -13.09
CA GLY B 109 -16.13 8.23 -11.96
C GLY B 109 -16.66 9.63 -12.12
N PHE B 110 -17.67 9.96 -11.32
CA PHE B 110 -18.19 11.32 -11.28
C PHE B 110 -18.47 11.66 -9.82
N ARG B 111 -17.86 12.76 -9.35
CA ARG B 111 -18.17 13.33 -8.03
C ARG B 111 -19.31 14.34 -8.14
N MET B 112 -20.31 14.17 -7.30
CA MET B 112 -21.45 15.08 -7.26
C MET B 112 -21.97 15.10 -5.82
N SER B 113 -22.74 16.11 -5.47
CA SER B 113 -23.22 16.21 -4.10
C SER B 113 -24.75 16.22 -4.06
N ILE B 114 -25.30 15.89 -2.90
CA ILE B 114 -26.75 15.87 -2.69
C ILE B 114 -27.18 17.20 -2.10
N SER B 115 -28.13 17.88 -2.74
CA SER B 115 -28.64 19.11 -2.15
C SER B 115 -29.58 18.77 -0.98
N TRP B 116 -29.09 19.00 0.24
CA TRP B 116 -29.87 18.74 1.46
C TRP B 116 -31.29 19.30 1.39
N ALA B 117 -31.44 20.57 1.01
CA ALA B 117 -32.76 21.19 1.01
C ALA B 117 -33.61 20.73 -0.17
N ARG B 118 -32.98 20.08 -1.14
CA ARG B 118 -33.75 19.53 -2.26
C ARG B 118 -34.43 18.22 -1.86
N VAL B 119 -33.78 17.40 -1.02
CA VAL B 119 -34.41 16.15 -0.58
C VAL B 119 -35.17 16.29 0.74
N LEU B 120 -34.72 17.23 1.57
CA LEU B 120 -35.34 17.54 2.86
C LEU B 120 -35.56 19.05 2.96
N PRO B 121 -36.65 19.56 2.36
CA PRO B 121 -36.84 21.02 2.23
C PRO B 121 -36.89 21.74 3.57
N ARG B 122 -37.29 21.05 4.62
CA ARG B 122 -37.27 21.63 5.97
C ARG B 122 -36.09 21.11 6.80
N GLY B 123 -35.13 20.44 6.14
CA GLY B 123 -33.88 20.10 6.80
C GLY B 123 -33.96 18.87 7.69
N LYS B 124 -34.90 18.88 8.64
CA LYS B 124 -35.16 17.71 9.48
C LYS B 124 -35.90 16.62 8.70
N LEU B 125 -35.55 15.37 8.99
CA LEU B 125 -36.28 14.22 8.44
C LEU B 125 -37.78 14.32 8.73
N SER B 126 -38.11 14.77 9.94
CA SER B 126 -39.52 14.88 10.34
C SER B 126 -40.25 15.95 9.52
N GLY B 127 -39.49 16.84 8.89
CA GLY B 127 -40.08 17.86 8.03
C GLY B 127 -40.57 17.31 6.70
N GLY B 128 -40.13 16.09 6.39
CA GLY B 128 -40.63 15.39 5.23
C GLY B 128 -39.64 15.25 4.08
N VAL B 129 -39.73 14.15 3.36
CA VAL B 129 -38.88 13.89 2.20
C VAL B 129 -39.55 14.34 0.92
N ASN B 130 -38.84 15.16 0.14
CA ASN B 130 -39.32 15.60 -1.17
C ASN B 130 -39.09 14.53 -2.23
N LYS B 131 -40.14 13.78 -2.58
CA LYS B 131 -39.99 12.65 -3.52
C LYS B 131 -39.41 13.06 -4.87
N GLU B 132 -39.70 14.28 -5.33
CA GLU B 132 -39.20 14.75 -6.61
C GLU B 132 -37.69 14.97 -6.59
N GLY B 133 -37.17 15.43 -5.46
CA GLY B 133 -35.74 15.58 -5.26
C GLY B 133 -35.04 14.24 -5.28
N ILE B 134 -35.58 13.29 -4.52
CA ILE B 134 -35.03 11.93 -4.49
C ILE B 134 -34.97 11.37 -5.92
N ALA B 135 -36.03 11.57 -6.69
CA ALA B 135 -36.12 11.07 -8.05
C ALA B 135 -35.03 11.67 -8.95
N PHE B 136 -34.75 12.96 -8.79
CA PHE B 136 -33.67 13.57 -9.56
C PHE B 136 -32.34 12.86 -9.35
N TYR B 137 -31.96 12.62 -8.11
CA TYR B 137 -30.67 11.97 -7.85
C TYR B 137 -30.66 10.52 -8.31
N ASN B 138 -31.78 9.84 -8.11
CA ASN B 138 -31.91 8.49 -8.64
C ASN B 138 -31.74 8.49 -10.16
N ASN B 139 -32.35 9.47 -10.82
CA ASN B 139 -32.26 9.58 -12.27
C ASN B 139 -30.80 9.77 -12.72
N VAL B 140 -30.11 10.69 -12.07
CA VAL B 140 -28.71 10.94 -12.38
C VAL B 140 -27.85 9.72 -12.13
N ILE B 141 -27.99 9.12 -10.95
CA ILE B 141 -27.22 7.92 -10.60
C ILE B 141 -27.49 6.78 -11.59
N ASN B 142 -28.76 6.57 -11.94
CA ASN B 142 -29.10 5.47 -12.86
C ASN B 142 -28.46 5.67 -14.23
N ASP B 143 -28.42 6.93 -14.68
CA ASP B 143 -27.82 7.27 -15.97
C ASP B 143 -26.32 7.08 -15.93
N LEU B 144 -25.70 7.59 -14.87
CA LEU B 144 -24.26 7.42 -14.68
C LEU B 144 -23.88 5.94 -14.76
N LEU B 145 -24.60 5.10 -14.02
CA LEU B 145 -24.26 3.68 -14.01
C LEU B 145 -24.48 3.00 -15.37
N SER B 146 -25.43 3.49 -16.17
CA SER B 146 -25.64 2.90 -17.49
C SER B 146 -24.46 3.22 -18.42
N LYS B 147 -23.72 4.27 -18.09
CA LYS B 147 -22.56 4.67 -18.88
C LYS B 147 -21.27 4.09 -18.30
N GLY B 148 -21.41 3.28 -17.25
CA GLY B 148 -20.26 2.66 -16.61
C GLY B 148 -19.48 3.63 -15.74
N ILE B 149 -20.14 4.69 -15.27
CA ILE B 149 -19.49 5.69 -14.43
C ILE B 149 -19.90 5.54 -12.97
N GLN B 150 -18.93 5.32 -12.07
CA GLN B 150 -19.22 5.22 -10.63
C GLN B 150 -19.54 6.57 -9.98
N PRO B 151 -20.69 6.68 -9.31
CA PRO B 151 -20.98 7.93 -8.60
C PRO B 151 -20.22 8.01 -7.27
N PHE B 152 -19.45 9.07 -7.09
CA PHE B 152 -18.83 9.37 -5.79
C PHE B 152 -19.64 10.50 -5.19
N ILE B 153 -20.45 10.20 -4.17
CA ILE B 153 -21.45 11.15 -3.70
C ILE B 153 -21.02 11.88 -2.45
N THR B 154 -20.96 13.20 -2.53
CA THR B 154 -20.73 14.03 -1.35
C THR B 154 -22.09 14.35 -0.71
N ILE B 155 -22.22 14.04 0.57
CA ILE B 155 -23.50 14.27 1.23
C ILE B 155 -23.69 15.76 1.49
N PHE B 156 -22.67 16.41 2.04
CA PHE B 156 -22.77 17.82 2.41
C PHE B 156 -21.72 18.67 1.72
N HIS B 157 -22.14 19.50 0.77
CA HIS B 157 -21.22 20.41 0.11
C HIS B 157 -21.69 21.86 0.30
N TRP B 158 -21.87 22.22 1.58
CA TRP B 158 -22.07 23.58 2.12
C TRP B 158 -23.50 24.11 2.03
N ASP B 159 -24.38 23.44 1.29
CA ASP B 159 -25.69 23.99 1.02
C ASP B 159 -26.69 23.58 2.10
N LEU B 160 -26.47 24.09 3.30
CA LEU B 160 -27.27 23.74 4.48
C LEU B 160 -28.69 24.29 4.35
N PRO B 161 -29.71 23.50 4.73
CA PRO B 161 -31.07 24.04 4.63
C PRO B 161 -31.23 25.28 5.50
N GLN B 162 -31.92 26.29 4.97
CA GLN B 162 -32.12 27.53 5.72
C GLN B 162 -32.90 27.22 7.00
N ALA B 163 -33.77 26.22 6.92
CA ALA B 163 -34.59 25.82 8.08
C ALA B 163 -33.71 25.47 9.28
N LEU B 164 -32.56 24.84 9.03
CA LEU B 164 -31.69 24.43 10.13
C LEU B 164 -30.83 25.59 10.60
N GLU B 165 -30.39 26.44 9.67
CA GLU B 165 -29.69 27.66 10.03
C GLU B 165 -30.60 28.51 10.92
N ASP B 166 -31.88 28.62 10.52
CA ASP B 166 -32.86 29.41 11.27
C ASP B 166 -33.17 28.80 12.62
N GLU B 167 -33.34 27.48 12.67
CA GLU B 167 -33.81 26.87 13.90
C GLU B 167 -32.80 27.01 15.03
N TYR B 168 -31.54 26.75 14.73
CA TYR B 168 -30.54 26.71 15.78
C TYR B 168 -29.14 27.17 15.37
N GLY B 169 -29.04 27.90 14.27
CA GLY B 169 -27.76 28.44 13.85
C GLY B 169 -26.85 27.42 13.16
N GLY B 170 -27.45 26.38 12.59
CA GLY B 170 -26.69 25.41 11.80
C GLY B 170 -25.57 24.76 12.59
N PHE B 171 -24.35 24.80 12.06
CA PHE B 171 -23.21 24.14 12.70
C PHE B 171 -22.67 24.87 13.92
N LEU B 172 -23.29 25.99 14.29
CA LEU B 172 -22.99 26.60 15.58
C LEU B 172 -23.56 25.78 16.74
N SER B 173 -24.48 24.86 16.42
CA SER B 173 -25.17 24.10 17.47
C SER B 173 -24.90 22.60 17.44
N PRO B 174 -24.80 21.96 18.62
CA PRO B 174 -24.72 20.49 18.65
C PRO B 174 -25.97 19.82 18.09
N HIS B 175 -27.08 20.55 17.94
CA HIS B 175 -28.27 19.98 17.32
C HIS B 175 -28.07 19.60 15.85
N ILE B 176 -27.02 20.13 15.21
CA ILE B 176 -26.81 19.80 13.80
C ILE B 176 -26.46 18.32 13.64
N VAL B 177 -25.83 17.72 14.65
CA VAL B 177 -25.29 16.37 14.48
C VAL B 177 -26.39 15.35 14.16
N ASN B 178 -27.49 15.38 14.91
CA ASN B 178 -28.57 14.42 14.67
C ASN B 178 -29.31 14.63 13.35
N ASP B 179 -29.46 15.88 12.93
CA ASP B 179 -30.13 16.17 11.66
C ASP B 179 -29.21 15.78 10.50
N PHE B 180 -27.92 16.04 10.66
CA PHE B 180 -26.93 15.61 9.66
C PHE B 180 -26.97 14.09 9.54
N ARG B 181 -27.02 13.41 10.67
CA ARG B 181 -27.04 11.95 10.67
C ARG B 181 -28.27 11.41 9.94
N ASP B 182 -29.43 12.03 10.19
CA ASP B 182 -30.66 11.58 9.52
C ASP B 182 -30.58 11.83 8.02
N PHE B 183 -29.93 12.93 7.66
CA PHE B 183 -29.77 13.28 6.24
C PHE B 183 -28.89 12.23 5.61
N ALA B 184 -27.75 11.93 6.25
CA ALA B 184 -26.87 10.88 5.75
C ALA B 184 -27.62 9.57 5.60
N GLU B 185 -28.45 9.23 6.59
CA GLU B 185 -29.16 7.96 6.52
C GLU B 185 -30.14 7.91 5.37
N LEU B 186 -30.82 9.03 5.12
CA LEU B 186 -31.72 9.09 3.98
C LEU B 186 -30.96 8.76 2.69
N CYS B 187 -29.79 9.38 2.52
CA CYS B 187 -28.97 9.12 1.36
C CYS B 187 -28.60 7.64 1.27
N PHE B 188 -28.14 7.06 2.38
CA PHE B 188 -27.75 5.63 2.38
C PHE B 188 -28.93 4.76 1.97
N LYS B 189 -30.09 5.05 2.56
CA LYS B 189 -31.30 4.26 2.31
C LYS B 189 -31.76 4.36 0.87
N GLU B 190 -31.77 5.58 0.32
CA GLU B 190 -32.32 5.77 -1.02
C GLU B 190 -31.34 5.46 -2.14
N PHE B 191 -30.05 5.72 -1.93
CA PHE B 191 -29.10 5.60 -3.04
C PHE B 191 -28.02 4.52 -2.82
N GLY B 192 -27.93 3.99 -1.60
CA GLY B 192 -26.83 3.12 -1.22
C GLY B 192 -26.74 1.77 -1.90
N ASP B 193 -27.83 1.37 -2.54
CA ASP B 193 -27.83 0.13 -3.30
C ASP B 193 -27.00 0.30 -4.57
N ARG B 194 -26.87 1.54 -5.04
CA ARG B 194 -26.14 1.84 -6.26
C ARG B 194 -24.84 2.63 -6.02
N VAL B 195 -24.84 3.43 -4.96
CA VAL B 195 -23.67 4.26 -4.64
C VAL B 195 -22.73 3.54 -3.67
N LYS B 196 -21.46 3.41 -4.04
CA LYS B 196 -20.54 2.62 -3.22
C LYS B 196 -19.36 3.44 -2.72
N HIS B 197 -19.38 4.74 -2.98
CA HIS B 197 -18.37 5.63 -2.44
C HIS B 197 -19.03 6.89 -1.91
N TRP B 198 -18.94 7.07 -0.60
CA TRP B 198 -19.58 8.18 0.10
C TRP B 198 -18.55 9.12 0.68
N ILE B 199 -18.81 10.41 0.51
CA ILE B 199 -18.01 11.45 1.14
C ILE B 199 -18.97 12.25 2.03
N THR B 200 -18.73 12.26 3.33
CA THR B 200 -19.62 12.93 4.27
C THR B 200 -19.75 14.41 3.95
N MET B 201 -18.61 15.07 3.76
CA MET B 201 -18.65 16.50 3.52
C MET B 201 -17.43 16.96 2.75
N ASN B 202 -17.57 18.11 2.10
CA ASN B 202 -16.51 18.69 1.27
C ASN B 202 -15.88 19.87 1.98
N GLU B 203 -14.57 19.82 2.21
CA GLU B 203 -13.83 20.99 2.68
C GLU B 203 -14.45 21.69 3.88
N PRO B 204 -14.60 20.99 5.01
CA PRO B 204 -15.05 21.68 6.21
C PRO B 204 -14.15 22.89 6.58
N TRP B 205 -12.87 22.87 6.18
CA TRP B 205 -12.06 24.07 6.38
C TRP B 205 -12.68 25.29 5.72
N SER B 206 -13.08 25.17 4.45
CA SER B 206 -13.64 26.31 3.74
C SER B 206 -14.92 26.77 4.42
N TYR B 207 -15.74 25.82 4.85
CA TYR B 207 -17.02 26.17 5.47
C TYR B 207 -16.79 27.01 6.74
N SER B 208 -15.87 26.54 7.57
CA SER B 208 -15.62 27.21 8.84
C SER B 208 -14.88 28.54 8.64
N TYR B 209 -13.74 28.51 7.96
CA TYR B 209 -12.97 29.72 7.72
C TYR B 209 -13.76 30.72 6.88
N GLY B 210 -14.33 30.24 5.77
CA GLY B 210 -15.03 31.15 4.86
C GLY B 210 -16.32 31.67 5.46
N GLY B 211 -17.05 30.80 6.13
CA GLY B 211 -18.37 31.16 6.65
C GLY B 211 -18.38 31.89 7.98
N TYR B 212 -17.30 31.78 8.76
CA TYR B 212 -17.32 32.24 10.17
C TYR B 212 -16.11 33.03 10.59
N ASP B 213 -15.04 33.00 9.80
CA ASP B 213 -13.90 33.86 10.09
C ASP B 213 -13.95 35.09 9.18
N ALA B 214 -13.79 34.86 7.87
CA ALA B 214 -13.71 35.94 6.89
C ALA B 214 -15.08 36.44 6.42
N GLY B 215 -16.12 35.63 6.63
CA GLY B 215 -17.47 36.01 6.23
C GLY B 215 -17.63 36.11 4.73
N LEU B 216 -16.81 35.35 4.00
CA LEU B 216 -16.79 35.37 2.52
C LEU B 216 -17.76 34.37 1.91
N LEU B 217 -18.13 33.37 2.71
CA LEU B 217 -19.01 32.29 2.27
C LEU B 217 -20.26 32.25 3.16
N ALA B 218 -21.34 31.66 2.67
CA ALA B 218 -22.54 31.47 3.51
C ALA B 218 -22.14 30.68 4.76
N PRO B 219 -22.74 31.03 5.92
CA PRO B 219 -23.81 31.99 6.16
C PRO B 219 -23.35 33.44 6.33
N GLY B 220 -22.08 33.72 6.04
CA GLY B 220 -21.57 35.09 6.06
C GLY B 220 -21.50 35.74 7.43
N ARG B 221 -20.71 35.14 8.32
CA ARG B 221 -20.56 35.65 9.67
C ARG B 221 -19.09 35.96 9.93
N CYS B 222 -18.85 37.04 10.68
CA CYS B 222 -17.51 37.44 11.08
C CYS B 222 -17.61 38.49 12.18
N SER B 223 -16.47 38.84 12.76
CA SER B 223 -16.43 39.81 13.85
C SER B 223 -16.84 41.20 13.38
N ALA B 224 -17.46 41.95 14.27
CA ALA B 224 -17.94 43.29 13.94
C ALA B 224 -16.82 44.22 13.51
N PHE B 225 -15.61 44.03 14.05
CA PHE B 225 -14.52 44.96 13.73
C PHE B 225 -14.15 44.90 12.24
N MET B 226 -14.59 43.86 11.54
CA MET B 226 -14.32 43.77 10.11
C MET B 226 -15.30 44.61 9.28
N ALA B 227 -16.40 45.05 9.90
CA ALA B 227 -17.44 45.81 9.20
C ALA B 227 -17.86 45.13 7.89
N PHE B 228 -18.09 43.81 7.96
CA PHE B 228 -18.27 42.99 6.76
C PHE B 228 -19.50 42.10 6.90
N CYS B 229 -19.86 41.75 8.14
CA CYS B 229 -21.00 40.88 8.39
C CYS B 229 -21.92 41.44 9.46
N PRO B 230 -23.22 41.14 9.37
CA PRO B 230 -24.14 41.60 10.41
C PRO B 230 -23.87 40.95 11.77
N LYS B 231 -23.50 39.69 11.79
CA LYS B 231 -23.24 38.98 13.06
C LYS B 231 -22.01 38.08 13.00
N GLY B 232 -21.50 37.72 14.18
CA GLY B 232 -20.48 36.70 14.28
C GLY B 232 -19.32 36.99 15.22
N ASN B 233 -18.37 36.06 15.23
CA ASN B 233 -17.14 36.23 16.00
C ASN B 233 -16.05 35.35 15.41
N SER B 234 -15.14 35.97 14.66
CA SER B 234 -14.10 35.27 13.92
C SER B 234 -13.10 34.57 14.84
N GLY B 235 -13.11 34.94 16.12
CA GLY B 235 -12.17 34.37 17.08
C GLY B 235 -12.70 33.15 17.80
N THR B 236 -14.01 32.89 17.71
CA THR B 236 -14.60 31.79 18.44
C THR B 236 -15.41 30.85 17.55
N GLU B 237 -16.22 31.42 16.67
CA GLU B 237 -17.15 30.61 15.89
C GLU B 237 -16.49 29.63 14.91
N PRO B 238 -15.35 30.00 14.27
CA PRO B 238 -14.76 28.96 13.40
C PRO B 238 -14.43 27.68 14.17
N TYR B 239 -13.96 27.83 15.40
CA TYR B 239 -13.64 26.67 16.22
C TYR B 239 -14.87 25.90 16.67
N ILE B 240 -15.95 26.62 16.99
CA ILE B 240 -17.22 25.96 17.34
C ILE B 240 -17.76 25.15 16.16
N VAL B 241 -17.68 25.75 14.97
CA VAL B 241 -18.25 25.15 13.77
C VAL B 241 -17.46 23.92 13.36
N THR B 242 -16.14 24.02 13.38
CA THR B 242 -15.30 22.89 13.00
C THR B 242 -15.52 21.69 13.92
N HIS B 243 -15.72 21.94 15.22
CA HIS B 243 -16.00 20.86 16.15
C HIS B 243 -17.27 20.11 15.75
N ASN B 244 -18.31 20.86 15.38
CA ASN B 244 -19.59 20.25 15.04
C ASN B 244 -19.54 19.61 13.66
N LEU B 245 -18.71 20.16 12.77
CA LEU B 245 -18.48 19.53 11.47
C LEU B 245 -17.86 18.16 11.66
N LEU B 246 -16.83 18.07 12.50
CA LEU B 246 -16.19 16.78 12.78
C LEU B 246 -17.16 15.79 13.42
N LEU B 247 -17.94 16.24 14.39
CA LEU B 247 -18.89 15.35 15.06
C LEU B 247 -20.01 14.88 14.13
N SER B 248 -20.42 15.72 13.18
CA SER B 248 -21.47 15.36 12.25
C SER B 248 -20.95 14.30 11.29
N HIS B 249 -19.78 14.58 10.73
CA HIS B 249 -19.06 13.59 9.94
C HIS B 249 -18.99 12.25 10.69
N ALA B 250 -18.52 12.29 11.93
CA ALA B 250 -18.31 11.08 12.72
C ALA B 250 -19.62 10.30 12.93
N ALA B 251 -20.70 11.04 13.16
CA ALA B 251 -22.02 10.41 13.33
C ALA B 251 -22.44 9.69 12.06
N ALA B 252 -22.24 10.32 10.90
CA ALA B 252 -22.63 9.70 9.64
C ALA B 252 -21.81 8.42 9.38
N VAL B 253 -20.52 8.48 9.66
CA VAL B 253 -19.64 7.34 9.40
C VAL B 253 -20.01 6.16 10.30
N LYS B 254 -20.22 6.43 11.58
CA LYS B 254 -20.59 5.37 12.51
C LYS B 254 -21.90 4.72 12.07
N LEU B 255 -22.85 5.54 11.62
CA LEU B 255 -24.12 4.99 11.16
C LEU B 255 -23.90 4.12 9.92
N TYR B 256 -23.09 4.60 8.99
CA TYR B 256 -22.84 3.84 7.77
C TYR B 256 -22.20 2.50 8.10
N LYS B 257 -21.12 2.56 8.88
CA LYS B 257 -20.36 1.37 9.24
C LYS B 257 -21.20 0.33 9.98
N GLU B 258 -22.02 0.79 10.92
CA GLU B 258 -22.76 -0.13 11.77
C GLU B 258 -24.00 -0.70 11.11
N LYS B 259 -24.59 0.07 10.19
CA LYS B 259 -25.91 -0.29 9.70
C LYS B 259 -26.01 -0.57 8.19
N TYR B 260 -25.14 0.03 7.38
CA TYR B 260 -25.29 -0.13 5.93
C TYR B 260 -24.10 -0.82 5.26
N GLN B 261 -22.90 -0.65 5.82
CA GLN B 261 -21.69 -1.05 5.10
C GLN B 261 -21.63 -2.55 4.81
N ALA B 262 -22.00 -3.37 5.79
CA ALA B 262 -21.93 -4.83 5.62
C ALA B 262 -22.75 -5.30 4.43
N TYR B 263 -23.93 -4.73 4.22
CA TYR B 263 -24.73 -5.27 3.12
C TYR B 263 -24.66 -4.43 1.85
N GLN B 264 -24.43 -3.12 1.97
CA GLN B 264 -24.29 -2.32 0.74
C GLN B 264 -22.87 -2.40 0.16
N LYS B 265 -21.92 -2.72 1.02
CA LYS B 265 -20.53 -2.98 0.62
C LYS B 265 -19.84 -1.79 -0.05
N GLY B 266 -20.13 -0.59 0.45
CA GLY B 266 -19.45 0.59 -0.04
C GLY B 266 -18.40 1.05 0.95
N GLN B 267 -17.87 2.25 0.70
CA GLN B 267 -16.79 2.85 1.49
C GLN B 267 -17.20 4.28 1.80
N ILE B 268 -16.79 4.80 2.96
CA ILE B 268 -17.15 6.19 3.29
C ILE B 268 -15.94 6.96 3.79
N GLY B 269 -15.83 8.22 3.37
CA GLY B 269 -14.69 9.04 3.72
C GLY B 269 -15.10 10.48 3.91
N ILE B 270 -14.11 11.36 3.81
CA ILE B 270 -14.33 12.79 3.97
C ILE B 270 -13.31 13.51 3.08
N THR B 271 -13.68 14.65 2.53
CA THR B 271 -12.77 15.41 1.68
C THR B 271 -12.22 16.62 2.42
N LEU B 272 -10.89 16.72 2.51
CA LEU B 272 -10.27 17.90 3.09
C LEU B 272 -9.49 18.67 2.03
N VAL B 273 -9.38 19.98 2.21
CA VAL B 273 -8.51 20.82 1.37
C VAL B 273 -7.39 21.36 2.25
N THR B 274 -6.18 21.42 1.68
CA THR B 274 -5.11 22.19 2.28
C THR B 274 -4.19 22.66 1.18
N TYR B 275 -3.57 23.81 1.40
CA TYR B 275 -2.46 24.24 0.56
C TYR B 275 -1.22 23.55 1.12
N TRP B 276 -0.23 23.30 0.26
CA TRP B 276 1.05 22.81 0.75
C TRP B 276 1.88 24.01 1.21
N MET B 277 2.45 23.91 2.40
CA MET B 277 3.14 25.04 3.01
C MET B 277 4.66 24.91 2.93
N ILE B 278 5.30 25.91 2.33
CA ILE B 278 6.75 25.94 2.18
C ILE B 278 7.31 27.11 2.98
N PRO B 279 8.29 26.85 3.85
CA PRO B 279 8.87 27.98 4.60
C PRO B 279 9.46 29.02 3.63
N TYR B 280 9.16 30.30 3.84
CA TYR B 280 9.66 31.38 2.98
C TYR B 280 11.19 31.39 2.94
N SER B 281 11.80 31.16 4.09
CA SER B 281 13.26 31.15 4.21
C SER B 281 13.69 29.92 4.97
N ASN B 282 15.00 29.73 5.11
CA ASN B 282 15.52 28.58 5.84
C ASN B 282 15.49 28.75 7.37
N SER B 283 14.98 29.89 7.83
CA SER B 283 15.02 30.20 9.27
C SER B 283 14.13 29.25 10.08
N LYS B 284 14.49 29.03 11.34
CA LYS B 284 13.62 28.27 12.23
C LYS B 284 12.26 28.93 12.32
N ALA B 285 12.25 30.27 12.35
CA ALA B 285 10.98 31.00 12.46
C ALA B 285 10.04 30.63 11.33
N ASP B 286 10.57 30.62 10.10
CA ASP B 286 9.72 30.41 8.93
C ASP B 286 9.37 28.93 8.77
N LYS B 287 10.27 28.05 9.18
CA LYS B 287 9.97 26.61 9.17
C LYS B 287 8.81 26.33 10.10
N ASP B 288 8.88 26.89 11.31
CA ASP B 288 7.83 26.67 12.31
C ASP B 288 6.52 27.31 11.85
N ALA B 289 6.61 28.47 11.22
CA ALA B 289 5.42 29.16 10.73
C ALA B 289 4.72 28.32 9.68
N ALA B 290 5.51 27.71 8.80
CA ALA B 290 4.98 26.87 7.73
C ALA B 290 4.19 25.70 8.32
N GLN B 291 4.75 25.06 9.32
CA GLN B 291 4.08 23.93 9.96
C GLN B 291 2.82 24.41 10.71
N ARG B 292 2.89 25.59 11.32
CA ARG B 292 1.71 26.17 11.96
C ARG B 292 0.57 26.38 10.96
N ALA B 293 0.89 26.95 9.80
CA ALA B 293 -0.11 27.19 8.79
C ALA B 293 -0.76 25.87 8.35
N LEU B 294 0.05 24.82 8.22
CA LEU B 294 -0.46 23.51 7.84
C LEU B 294 -1.28 22.88 8.99
N ASP B 295 -0.79 23.01 10.21
CA ASP B 295 -1.55 22.59 11.39
C ASP B 295 -2.96 23.20 11.38
N PHE B 296 -3.05 24.51 11.17
CA PHE B 296 -4.32 25.21 11.31
C PHE B 296 -5.29 24.95 10.15
N MET B 297 -4.73 24.70 8.97
CA MET B 297 -5.59 24.46 7.80
C MET B 297 -5.98 22.99 7.67
N TYR B 298 -4.97 22.12 7.76
CA TYR B 298 -5.08 20.69 7.50
C TYR B 298 -5.23 19.90 8.79
N GLY B 299 -4.28 20.12 9.71
CA GLY B 299 -4.20 19.35 10.95
C GLY B 299 -5.44 19.53 11.82
N TRP B 300 -6.07 20.68 11.69
CA TRP B 300 -7.34 21.02 12.36
C TRP B 300 -8.34 19.90 12.22
N PHE B 301 -8.30 19.25 11.05
CA PHE B 301 -9.19 18.14 10.74
C PHE B 301 -8.51 16.77 10.77
N ILE B 302 -7.32 16.67 10.21
CA ILE B 302 -6.77 15.33 10.03
C ILE B 302 -6.15 14.81 11.33
N GLU B 303 -5.79 15.68 12.27
CA GLU B 303 -5.32 15.13 13.54
C GLU B 303 -6.48 14.58 14.38
N PRO B 304 -7.63 15.29 14.46
CA PRO B 304 -8.79 14.63 15.09
C PRO B 304 -9.17 13.32 14.41
N LEU B 305 -9.18 13.31 13.09
CA LEU B 305 -9.57 12.12 12.34
C LEU B 305 -8.58 10.96 12.56
N SER B 306 -7.32 11.29 12.80
CA SER B 306 -6.29 10.27 12.97
C SER B 306 -6.00 9.93 14.43
N PHE B 307 -6.03 10.95 15.29
CA PHE B 307 -5.58 10.79 16.67
C PHE B 307 -6.65 11.14 17.71
N GLY B 308 -7.77 11.69 17.28
CA GLY B 308 -8.82 12.08 18.22
C GLY B 308 -8.49 13.31 19.04
N GLU B 309 -7.56 14.13 18.54
CA GLU B 309 -7.20 15.38 19.22
C GLU B 309 -6.80 16.43 18.20
N TYR B 310 -6.87 17.70 18.59
CA TYR B 310 -6.40 18.77 17.71
C TYR B 310 -4.88 18.91 17.77
N PRO B 311 -4.27 19.61 16.79
CA PRO B 311 -2.81 19.78 16.80
C PRO B 311 -2.31 20.54 18.03
N LYS B 312 -1.15 20.16 18.54
CA LYS B 312 -0.56 20.85 19.69
C LYS B 312 -0.47 22.37 19.51
N SER B 313 -0.10 22.80 18.32
CA SER B 313 0.09 24.25 18.09
C SER B 313 -1.24 25.00 18.24
N MET B 314 -2.34 24.36 17.83
CA MET B 314 -3.66 24.98 17.98
C MET B 314 -4.07 25.01 19.45
N ARG B 315 -3.86 23.91 20.16
CA ARG B 315 -4.19 23.90 21.59
C ARG B 315 -3.43 24.99 22.33
N ARG B 316 -2.17 25.20 21.96
CA ARG B 316 -1.32 26.20 22.59
C ARG B 316 -1.77 27.62 22.28
N LEU B 317 -1.93 27.91 20.99
CA LEU B 317 -2.17 29.29 20.56
C LEU B 317 -3.63 29.71 20.67
N VAL B 318 -4.55 28.77 20.54
CA VAL B 318 -5.97 29.09 20.59
C VAL B 318 -6.52 28.95 22.02
N GLY B 319 -5.88 28.09 22.82
CA GLY B 319 -6.22 27.93 24.21
C GLY B 319 -7.68 27.54 24.42
N LYS B 320 -8.33 28.17 25.40
CA LYS B 320 -9.70 27.78 25.73
C LYS B 320 -10.77 28.16 24.68
N ARG B 321 -10.38 28.87 23.63
CA ARG B 321 -11.32 29.10 22.51
C ARG B 321 -11.42 27.84 21.65
N LEU B 322 -10.54 26.88 21.88
CA LEU B 322 -10.55 25.64 21.10
C LEU B 322 -11.30 24.57 21.89
N PRO B 323 -12.38 24.03 21.34
CA PRO B 323 -13.15 23.03 22.10
C PRO B 323 -12.36 21.75 22.40
N ARG B 324 -12.71 21.09 23.50
CA ARG B 324 -12.12 19.80 23.84
C ARG B 324 -13.00 18.67 23.30
N PHE B 325 -12.41 17.57 22.84
CA PHE B 325 -13.21 16.37 22.62
C PHE B 325 -13.43 15.71 23.97
N THR B 326 -14.67 15.37 24.28
CA THR B 326 -14.91 14.45 25.39
C THR B 326 -14.32 13.10 25.00
N LYS B 327 -14.20 12.18 25.96
CA LYS B 327 -13.68 10.86 25.63
C LYS B 327 -14.60 10.12 24.64
N GLU B 328 -15.91 10.32 24.77
CA GLU B 328 -16.86 9.73 23.82
C GLU B 328 -16.68 10.28 22.40
N GLN B 329 -16.56 11.61 22.30
CA GLN B 329 -16.37 12.26 21.01
C GLN B 329 -15.06 11.87 20.34
N ALA B 330 -14.00 11.78 21.14
CA ALA B 330 -12.68 11.49 20.61
C ALA B 330 -12.70 10.10 19.98
N MET B 331 -13.40 9.18 20.63
CA MET B 331 -13.52 7.81 20.13
C MET B 331 -14.34 7.75 18.85
N LEU B 332 -15.38 8.57 18.75
CA LEU B 332 -16.20 8.65 17.54
C LEU B 332 -15.43 9.23 16.35
N VAL B 333 -14.64 10.26 16.61
CA VAL B 333 -13.97 10.98 15.53
C VAL B 333 -12.70 10.26 15.07
N LYS B 334 -11.93 9.74 16.02
CA LYS B 334 -10.70 9.04 15.68
C LYS B 334 -10.97 7.79 14.82
N GLY B 335 -10.28 7.70 13.68
CA GLY B 335 -10.43 6.58 12.77
C GLY B 335 -11.72 6.52 11.97
N SER B 336 -12.45 7.64 11.90
CA SER B 336 -13.76 7.64 11.25
C SER B 336 -13.69 7.90 9.72
N PHE B 337 -12.85 7.14 9.02
CA PHE B 337 -12.84 7.18 7.56
C PHE B 337 -12.26 5.90 6.98
N ASP B 338 -12.82 5.47 5.85
CA ASP B 338 -12.29 4.34 5.09
C ASP B 338 -11.21 4.82 4.11
N PHE B 339 -11.38 6.06 3.65
CA PHE B 339 -10.47 6.72 2.73
C PHE B 339 -10.52 8.19 3.01
N LEU B 340 -9.45 8.88 2.62
CA LEU B 340 -9.35 10.31 2.74
C LEU B 340 -9.43 10.94 1.36
N GLY B 341 -10.34 11.89 1.18
CA GLY B 341 -10.37 12.66 -0.05
C GLY B 341 -9.54 13.92 0.15
N LEU B 342 -8.62 14.20 -0.77
CA LEU B 342 -7.80 15.41 -0.68
C LEU B 342 -8.04 16.31 -1.89
N ASN B 343 -8.30 17.58 -1.64
CA ASN B 343 -8.43 18.56 -2.71
C ASN B 343 -7.13 19.34 -2.75
N TYR B 344 -6.44 19.28 -3.87
CA TYR B 344 -5.15 19.96 -3.95
C TYR B 344 -5.15 20.96 -5.08
N TYR B 345 -4.73 22.19 -4.78
CA TYR B 345 -4.67 23.23 -5.80
C TYR B 345 -3.30 23.88 -5.86
N ILE B 346 -2.79 24.31 -4.71
CA ILE B 346 -1.60 25.17 -4.69
C ILE B 346 -0.67 24.90 -3.54
N ALA B 347 0.53 25.46 -3.65
CA ALA B 347 1.40 25.64 -2.50
C ALA B 347 1.57 27.13 -2.27
N ASN B 348 1.96 27.49 -1.04
CA ASN B 348 2.28 28.86 -0.69
C ASN B 348 3.56 28.89 0.14
N TYR B 349 4.31 29.98 0.01
CA TYR B 349 5.39 30.24 0.96
C TYR B 349 4.78 30.75 2.25
N VAL B 350 5.45 30.51 3.37
CA VAL B 350 4.89 30.96 4.65
C VAL B 350 5.94 31.75 5.43
N LEU B 351 5.56 32.95 5.86
CA LEU B 351 6.38 33.76 6.74
C LEU B 351 5.88 33.70 8.17
N ASN B 352 6.83 33.67 9.10
CA ASN B 352 6.52 33.94 10.50
C ASN B 352 5.90 35.31 10.66
N VAL B 353 4.89 35.42 11.52
CA VAL B 353 4.37 36.71 11.95
C VAL B 353 4.63 36.90 13.43
N PRO B 354 5.55 37.81 13.79
CA PRO B 354 5.85 38.00 15.22
C PRO B 354 4.60 38.40 15.99
N THR B 355 4.53 38.06 17.28
CA THR B 355 3.42 38.51 18.10
C THR B 355 3.43 40.03 18.16
N SER B 356 2.28 40.63 18.45
CA SER B 356 2.17 42.08 18.48
C SER B 356 1.14 42.53 19.51
N ASN B 357 1.11 43.83 19.78
CA ASN B 357 0.20 44.42 20.76
C ASN B 357 -1.17 44.74 20.18
N SER B 358 -1.22 44.88 18.87
CA SER B 358 -2.46 45.31 18.23
C SER B 358 -3.09 44.06 17.64
N VAL B 359 -4.12 43.56 18.30
CA VAL B 359 -4.58 42.24 17.92
C VAL B 359 -6.05 42.16 17.54
N ASN B 360 -6.27 41.99 16.24
CA ASN B 360 -7.54 41.53 15.72
C ASN B 360 -7.65 40.04 16.01
N LEU B 361 -8.62 39.66 16.81
CA LEU B 361 -8.76 38.28 17.23
C LEU B 361 -9.49 37.48 16.15
N SER B 362 -8.83 36.44 15.63
CA SER B 362 -9.45 35.63 14.58
C SER B 362 -8.68 34.34 14.38
N TYR B 363 -9.38 33.33 13.90
CA TYR B 363 -8.75 32.11 13.43
C TYR B 363 -7.54 32.43 12.54
N THR B 364 -7.73 33.36 11.60
CA THR B 364 -6.68 33.74 10.66
C THR B 364 -5.40 34.21 11.36
N THR B 365 -5.52 35.11 12.33
CA THR B 365 -4.32 35.61 12.98
C THR B 365 -3.77 34.68 14.07
N ASP B 366 -4.59 33.75 14.55
CA ASP B 366 -4.16 32.84 15.62
C ASP B 366 -2.89 32.04 15.30
N SER B 367 -2.67 31.71 14.02
CA SER B 367 -1.57 30.81 13.68
C SER B 367 -0.22 31.52 13.53
N LEU B 368 -0.22 32.85 13.65
CA LEU B 368 1.00 33.66 13.53
C LEU B 368 1.78 33.32 12.27
N SER B 369 1.06 33.27 11.14
CA SER B 369 1.69 32.92 9.89
C SER B 369 1.09 33.72 8.75
N ASN B 370 1.88 33.89 7.70
CA ASN B 370 1.47 34.71 6.58
C ASN B 370 1.87 34.03 5.29
N GLN B 371 0.88 33.62 4.50
CA GLN B 371 1.12 32.88 3.27
C GLN B 371 1.28 33.85 2.12
N THR B 372 2.20 33.54 1.21
CA THR B 372 2.40 34.35 0.03
C THR B 372 2.84 33.47 -1.13
N ALA B 373 2.44 33.85 -2.35
CA ALA B 373 2.78 33.07 -3.54
C ALA B 373 4.12 33.50 -4.12
N PHE B 374 4.75 34.47 -3.48
CA PHE B 374 5.97 35.08 -4.01
C PHE B 374 7.13 34.98 -3.03
N ARG B 375 8.30 34.69 -3.56
CA ARG B 375 9.53 34.78 -2.79
C ARG B 375 10.57 35.50 -3.62
N ASN B 376 11.15 36.56 -3.04
CA ASN B 376 12.12 37.40 -3.75
C ASN B 376 11.53 38.02 -5.02
N GLY B 377 10.23 38.29 -4.99
CA GLY B 377 9.55 38.86 -6.14
C GLY B 377 9.27 37.85 -7.24
N VAL B 378 9.55 36.58 -6.96
CA VAL B 378 9.33 35.53 -7.96
C VAL B 378 8.22 34.59 -7.55
N ALA B 379 7.20 34.49 -8.41
CA ALA B 379 6.05 33.61 -8.20
C ALA B 379 6.46 32.15 -7.99
N ILE B 380 5.71 31.45 -7.14
CA ILE B 380 6.00 30.06 -6.82
C ILE B 380 5.80 29.11 -8.03
N GLY B 381 5.16 29.60 -9.08
CA GLY B 381 4.99 28.81 -10.29
C GLY B 381 4.26 29.58 -11.38
N ARG B 382 3.89 28.89 -12.46
CA ARG B 382 3.10 29.53 -13.52
C ARG B 382 1.76 30.06 -13.02
N PRO B 383 1.29 31.15 -13.63
CA PRO B 383 0.04 31.77 -13.22
C PRO B 383 -1.19 31.08 -13.77
N THR B 384 -2.33 31.31 -13.14
CA THR B 384 -3.62 30.91 -13.67
C THR B 384 -4.50 32.15 -13.71
N GLY B 385 -5.77 31.99 -14.06
CA GLY B 385 -6.70 33.09 -14.13
C GLY B 385 -7.19 33.47 -12.75
N VAL B 386 -6.70 32.74 -11.75
CA VAL B 386 -7.01 33.02 -10.36
C VAL B 386 -5.79 33.67 -9.71
N PRO B 387 -5.89 34.94 -9.34
CA PRO B 387 -4.70 35.70 -8.88
C PRO B 387 -3.86 35.03 -7.78
N ALA B 388 -4.49 34.30 -6.86
CA ALA B 388 -3.74 33.73 -5.73
C ALA B 388 -3.15 32.37 -6.04
N PHE B 389 -3.60 31.77 -7.14
CA PHE B 389 -3.29 30.36 -7.44
C PHE B 389 -2.22 30.21 -8.53
N PHE B 390 -1.07 29.65 -8.16
CA PHE B 390 -0.03 29.35 -9.13
C PHE B 390 0.23 27.85 -9.20
N MET B 391 0.85 27.39 -10.29
CA MET B 391 1.06 25.97 -10.47
C MET B 391 2.27 25.47 -9.71
N TYR B 392 2.05 24.47 -8.86
CA TYR B 392 3.12 23.86 -8.12
C TYR B 392 2.87 22.36 -7.95
N PRO B 393 2.99 21.59 -9.06
CA PRO B 393 2.63 20.17 -9.02
C PRO B 393 3.47 19.34 -8.04
N LYS B 394 4.67 19.81 -7.72
CA LYS B 394 5.48 19.12 -6.72
C LYS B 394 4.72 19.02 -5.40
N GLY B 395 3.96 20.05 -5.09
CA GLY B 395 3.22 20.12 -3.83
C GLY B 395 2.23 18.96 -3.68
N LEU B 396 1.73 18.45 -4.79
CA LEU B 396 0.81 17.31 -4.73
C LEU B 396 1.52 16.09 -4.14
N LYS B 397 2.70 15.76 -4.68
CA LYS B 397 3.48 14.65 -4.14
C LYS B 397 3.89 14.93 -2.70
N ASP B 398 4.33 16.16 -2.41
CA ASP B 398 4.78 16.50 -1.05
C ASP B 398 3.68 16.27 -0.02
N LEU B 399 2.48 16.76 -0.33
CA LEU B 399 1.30 16.59 0.54
C LEU B 399 0.96 15.12 0.75
N LEU B 400 0.96 14.37 -0.35
CA LEU B 400 0.65 12.95 -0.31
C LEU B 400 1.64 12.16 0.52
N VAL B 401 2.93 12.41 0.34
CA VAL B 401 3.94 11.71 1.10
C VAL B 401 3.86 12.08 2.60
N TYR B 402 3.69 13.36 2.89
CA TYR B 402 3.48 13.85 4.26
C TYR B 402 2.31 13.13 4.91
N THR B 403 1.21 13.04 4.17
CA THR B 403 0.00 12.40 4.67
C THR B 403 0.25 10.91 4.93
N LYS B 404 0.85 10.23 3.95
CA LYS B 404 1.25 8.84 4.15
C LYS B 404 2.10 8.65 5.42
N GLU B 405 3.10 9.52 5.61
CA GLU B 405 4.05 9.33 6.70
C GLU B 405 3.49 9.66 8.09
N LYS B 406 2.67 10.72 8.16
CA LYS B 406 2.13 11.18 9.44
C LYS B 406 0.87 10.45 9.91
N TYR B 407 0.06 9.97 8.97
CA TYR B 407 -1.27 9.43 9.30
C TYR B 407 -1.48 7.98 8.87
N ASN B 408 -0.44 7.17 9.05
CA ASN B 408 -0.54 5.72 8.88
C ASN B 408 -1.00 5.27 7.48
N ASP B 409 -0.44 5.89 6.45
CA ASP B 409 -0.55 5.33 5.10
C ASP B 409 -2.00 5.09 4.69
N PRO B 410 -2.84 6.15 4.72
CA PRO B 410 -4.26 5.94 4.44
C PRO B 410 -4.55 5.72 2.96
N VAL B 411 -5.68 5.09 2.66
CA VAL B 411 -6.20 5.08 1.31
C VAL B 411 -6.66 6.48 0.95
N ILE B 412 -6.28 6.95 -0.24
CA ILE B 412 -6.53 8.35 -0.62
C ILE B 412 -7.16 8.45 -2.00
N TYR B 413 -8.14 9.35 -2.14
CA TYR B 413 -8.60 9.79 -3.45
C TYR B 413 -8.25 11.26 -3.60
N ILE B 414 -7.72 11.66 -4.75
CA ILE B 414 -7.66 13.10 -5.03
C ILE B 414 -9.03 13.53 -5.53
N THR B 415 -9.83 14.16 -4.65
CA THR B 415 -11.21 14.43 -4.99
C THR B 415 -11.41 15.75 -5.75
N GLU B 416 -10.37 16.59 -5.77
CA GLU B 416 -10.36 17.78 -6.62
C GLU B 416 -8.91 18.17 -6.95
N ASN B 417 -8.72 18.60 -8.19
CA ASN B 417 -7.45 19.17 -8.63
C ASN B 417 -7.76 19.83 -9.96
N GLY B 418 -7.43 21.11 -10.07
CA GLY B 418 -7.72 21.85 -11.29
C GLY B 418 -7.22 23.28 -11.21
N MET B 419 -7.55 24.06 -12.25
CA MET B 419 -7.16 25.46 -12.30
C MET B 419 -8.23 26.29 -12.98
N GLY B 420 -8.24 27.59 -12.71
CA GLY B 420 -9.24 28.46 -13.29
C GLY B 420 -8.72 29.44 -14.34
N ASP B 421 -9.50 29.61 -15.40
CA ASP B 421 -9.32 30.69 -16.35
C ASP B 421 -10.20 31.86 -15.97
N ASN B 422 -9.67 33.05 -16.16
CA ASN B 422 -10.50 34.24 -16.06
C ASN B 422 -11.54 34.24 -17.19
N ASN B 423 -12.78 34.58 -16.85
CA ASN B 423 -13.87 34.61 -17.82
C ASN B 423 -13.82 35.90 -18.62
N ASN B 424 -12.79 36.03 -19.45
CA ASN B 424 -12.56 37.28 -20.20
C ASN B 424 -12.26 37.10 -21.69
N VAL B 425 -12.57 35.93 -22.24
CA VAL B 425 -12.38 35.69 -23.67
C VAL B 425 -13.62 35.06 -24.29
N THR B 426 -13.70 35.05 -25.63
CA THR B 426 -14.82 34.42 -26.32
C THR B 426 -14.85 32.91 -26.06
N THR B 427 -16.00 32.29 -26.33
CA THR B 427 -16.16 30.85 -26.24
C THR B 427 -15.08 30.10 -27.01
N GLU B 428 -14.86 30.54 -28.25
CA GLU B 428 -13.79 30.02 -29.10
C GLU B 428 -12.45 29.98 -28.39
N GLU B 429 -12.09 31.10 -27.79
CA GLU B 429 -10.80 31.24 -27.13
C GLU B 429 -10.76 30.41 -25.85
N GLY B 430 -11.86 30.46 -25.09
CA GLY B 430 -11.95 29.77 -23.82
C GLY B 430 -11.78 28.27 -23.96
N ILE B 431 -12.23 27.73 -25.10
CA ILE B 431 -12.15 26.30 -25.37
C ILE B 431 -10.70 25.80 -25.53
N LYS B 432 -9.84 26.65 -26.06
CA LYS B 432 -8.42 26.31 -26.23
C LYS B 432 -7.66 26.59 -24.94
N ASP B 433 -7.44 25.55 -24.13
CA ASP B 433 -6.82 25.73 -22.83
C ASP B 433 -5.54 24.91 -22.64
N PRO B 434 -4.49 25.21 -23.46
CA PRO B 434 -3.25 24.45 -23.32
C PRO B 434 -2.61 24.62 -21.95
N GLN B 435 -2.91 25.71 -21.26
CA GLN B 435 -2.39 25.91 -19.91
C GLN B 435 -2.99 24.87 -18.95
N ARG B 436 -4.25 24.50 -19.19
CA ARG B 436 -4.90 23.48 -18.37
C ARG B 436 -4.43 22.09 -18.79
N VAL B 437 -4.18 21.89 -20.08
CA VAL B 437 -3.55 20.65 -20.52
C VAL B 437 -2.22 20.46 -19.83
N TYR B 438 -1.43 21.53 -19.83
CA TYR B 438 -0.13 21.50 -19.17
C TYR B 438 -0.33 21.19 -17.69
N PHE B 439 -1.29 21.85 -17.07
CA PHE B 439 -1.59 21.66 -15.66
C PHE B 439 -1.82 20.18 -15.33
N TYR B 440 -2.72 19.53 -16.07
CA TYR B 440 -3.04 18.14 -15.78
C TYR B 440 -1.90 17.19 -16.14
N ASN B 441 -1.16 17.48 -17.21
CA ASN B 441 0.02 16.66 -17.49
C ASN B 441 0.96 16.64 -16.29
N GLN B 442 1.33 17.81 -15.80
CA GLN B 442 2.31 17.93 -14.72
C GLN B 442 1.81 17.36 -13.40
N HIS B 443 0.54 17.58 -13.08
CA HIS B 443 0.02 17.07 -11.82
C HIS B 443 -0.17 15.56 -11.84
N LEU B 444 -0.57 15.00 -12.98
CA LEU B 444 -0.69 13.56 -13.06
C LEU B 444 0.69 12.89 -13.03
N LEU B 445 1.69 13.52 -13.65
CA LEU B 445 3.06 13.03 -13.53
C LEU B 445 3.49 13.03 -12.07
N SER B 446 3.16 14.10 -11.37
CA SER B 446 3.48 14.21 -9.95
C SER B 446 2.75 13.13 -9.17
N LEU B 447 1.47 12.97 -9.46
CA LEU B 447 0.67 11.92 -8.82
C LEU B 447 1.29 10.55 -9.05
N LYS B 448 1.73 10.32 -10.27
CA LYS B 448 2.39 9.06 -10.63
C LYS B 448 3.57 8.81 -9.71
N ASN B 449 4.37 9.84 -9.50
CA ASN B 449 5.54 9.69 -8.64
C ASN B 449 5.18 9.49 -7.19
N ALA B 450 4.09 10.11 -6.74
CA ALA B 450 3.60 9.85 -5.38
C ALA B 450 3.20 8.38 -5.21
N ILE B 451 2.58 7.82 -6.25
CA ILE B 451 2.14 6.42 -6.18
C ILE B 451 3.37 5.49 -6.15
N ALA B 452 4.41 5.84 -6.90
CA ALA B 452 5.65 5.07 -6.90
C ALA B 452 6.31 5.08 -5.53
N ALA B 453 6.14 6.19 -4.83
CA ALA B 453 6.70 6.36 -3.49
C ALA B 453 5.84 5.65 -2.46
N GLY B 454 4.77 5.03 -2.90
CA GLY B 454 4.02 4.13 -2.04
C GLY B 454 2.74 4.70 -1.47
N VAL B 455 2.35 5.89 -1.93
CA VAL B 455 1.10 6.47 -1.44
C VAL B 455 -0.08 5.71 -2.05
N LYS B 456 -1.03 5.33 -1.21
CA LYS B 456 -2.16 4.51 -1.65
C LYS B 456 -3.28 5.34 -2.28
N VAL B 457 -2.97 6.01 -3.39
CA VAL B 457 -3.97 6.75 -4.14
C VAL B 457 -4.78 5.83 -5.05
N LYS B 458 -6.11 5.94 -4.99
CA LYS B 458 -6.95 5.02 -5.74
C LYS B 458 -7.78 5.70 -6.82
N GLY B 459 -7.72 7.02 -6.87
CA GLY B 459 -8.51 7.75 -7.85
C GLY B 459 -8.23 9.24 -7.86
N TYR B 460 -8.74 9.90 -8.88
CA TYR B 460 -8.39 11.30 -9.15
C TYR B 460 -9.50 11.97 -9.91
N PHE B 461 -9.94 13.13 -9.40
CA PHE B 461 -11.07 13.83 -9.95
C PHE B 461 -10.70 15.25 -10.32
N THR B 462 -10.97 15.63 -11.57
CA THR B 462 -10.71 17.00 -12.01
C THR B 462 -11.79 17.95 -11.48
N TRP B 463 -11.36 19.02 -10.80
CA TRP B 463 -12.27 20.14 -10.61
C TRP B 463 -11.99 21.13 -11.74
N ALA B 464 -12.97 21.35 -12.63
CA ALA B 464 -14.33 20.81 -12.53
C ALA B 464 -14.75 20.16 -13.83
N PHE B 465 -15.84 19.41 -13.77
CA PHE B 465 -16.49 18.88 -14.97
C PHE B 465 -16.86 20.01 -15.93
N LEU B 466 -17.67 20.94 -15.43
CA LEU B 466 -18.15 22.09 -16.19
C LEU B 466 -17.68 23.39 -15.57
N ASP B 467 -17.54 24.43 -16.38
CA ASP B 467 -17.49 25.79 -15.84
C ASP B 467 -18.76 25.99 -15.03
N ASN B 468 -18.65 26.59 -13.85
CA ASN B 468 -19.77 26.61 -12.92
C ASN B 468 -19.76 27.82 -12.01
N PHE B 469 -20.68 27.85 -11.05
CA PHE B 469 -20.75 28.94 -10.08
C PHE B 469 -19.67 28.74 -9.01
N GLU B 470 -18.58 29.49 -9.12
CA GLU B 470 -17.45 29.32 -8.23
C GLU B 470 -17.59 30.18 -6.96
N TRP B 471 -18.70 29.96 -6.26
CA TRP B 471 -18.96 30.57 -4.97
C TRP B 471 -18.76 32.10 -5.02
N LEU B 472 -17.88 32.65 -4.19
CA LEU B 472 -17.72 34.11 -4.14
C LEU B 472 -17.23 34.74 -5.47
N SER B 473 -16.69 33.91 -6.35
CA SER B 473 -16.21 34.38 -7.64
C SER B 473 -17.28 34.31 -8.74
N GLY B 474 -18.45 33.78 -8.40
CA GLY B 474 -19.55 33.67 -9.35
C GLY B 474 -19.11 32.97 -10.63
N TYR B 475 -19.37 33.60 -11.79
CA TYR B 475 -19.00 33.01 -13.08
C TYR B 475 -17.76 33.67 -13.68
N THR B 476 -16.94 34.31 -12.84
CA THR B 476 -15.76 35.00 -13.37
C THR B 476 -14.56 34.08 -13.52
N GLN B 477 -14.65 32.88 -12.95
CA GLN B 477 -13.57 31.90 -13.06
C GLN B 477 -14.08 30.60 -13.67
N ARG B 478 -13.36 30.10 -14.67
CA ARG B 478 -13.73 28.86 -15.35
C ARG B 478 -12.76 27.73 -15.00
N PHE B 479 -13.23 26.75 -14.24
CA PHE B 479 -12.39 25.61 -13.85
C PHE B 479 -12.69 24.35 -14.66
N GLY B 480 -13.67 24.44 -15.55
CA GLY B 480 -14.12 23.26 -16.27
C GLY B 480 -13.13 22.69 -17.24
N ILE B 481 -13.22 21.38 -17.48
CA ILE B 481 -12.60 20.79 -18.66
C ILE B 481 -13.62 20.82 -19.79
N VAL B 482 -14.82 21.26 -19.46
CA VAL B 482 -15.87 21.48 -20.44
C VAL B 482 -16.39 22.91 -20.29
N TYR B 483 -16.36 23.67 -21.39
CA TYR B 483 -16.75 25.07 -21.39
C TYR B 483 -18.27 25.21 -21.32
N VAL B 484 -18.75 26.16 -20.53
CA VAL B 484 -20.18 26.44 -20.56
C VAL B 484 -20.42 27.86 -21.04
N ASP B 485 -21.21 27.98 -22.10
CA ASP B 485 -21.48 29.28 -22.69
C ASP B 485 -22.68 29.90 -21.99
N PHE B 486 -22.42 30.58 -20.87
CA PHE B 486 -23.48 31.17 -20.05
C PHE B 486 -24.28 32.21 -20.84
N LYS B 487 -23.62 32.86 -21.80
CA LYS B 487 -24.27 33.87 -22.63
C LYS B 487 -25.14 33.27 -23.75
N ASP B 488 -24.89 32.02 -24.13
CA ASP B 488 -25.63 31.39 -25.24
C ASP B 488 -26.27 30.05 -24.82
N GLY B 489 -27.35 30.11 -24.05
CA GLY B 489 -28.11 28.93 -23.68
C GLY B 489 -27.37 27.87 -22.88
N LEU B 490 -26.33 28.27 -22.15
CA LEU B 490 -25.56 27.35 -21.31
C LEU B 490 -25.03 26.16 -22.08
N LYS B 491 -24.69 26.36 -23.36
CA LYS B 491 -24.21 25.26 -24.19
C LYS B 491 -22.85 24.74 -23.76
N ARG B 492 -22.69 23.42 -23.84
CA ARG B 492 -21.46 22.78 -23.42
C ARG B 492 -20.51 22.53 -24.58
N TYR B 493 -19.23 22.81 -24.37
CA TYR B 493 -18.19 22.50 -25.36
C TYR B 493 -16.98 21.92 -24.66
N PRO B 494 -16.63 20.66 -24.96
CA PRO B 494 -15.41 20.07 -24.39
C PRO B 494 -14.21 20.94 -24.74
N LYS B 495 -13.34 21.20 -23.77
CA LYS B 495 -12.14 22.02 -24.02
C LYS B 495 -11.02 21.12 -24.50
N HIS B 496 -9.89 21.71 -24.91
CA HIS B 496 -8.74 20.88 -25.28
C HIS B 496 -8.32 19.94 -24.15
N SER B 497 -8.47 20.40 -22.92
CA SER B 497 -8.18 19.56 -21.75
C SER B 497 -9.09 18.32 -21.70
N ALA B 498 -10.36 18.46 -22.04
CA ALA B 498 -11.26 17.30 -22.07
C ALA B 498 -10.79 16.31 -23.13
N LEU B 499 -10.41 16.81 -24.30
CA LEU B 499 -9.92 15.94 -25.36
C LEU B 499 -8.62 15.27 -24.97
N TRP B 500 -7.78 16.00 -24.22
CA TRP B 500 -6.54 15.44 -23.72
C TRP B 500 -6.83 14.27 -22.79
N PHE B 501 -7.81 14.45 -21.89
CA PHE B 501 -8.20 13.36 -21.01
C PHE B 501 -8.78 12.17 -21.76
N LYS B 502 -9.59 12.47 -22.77
CA LYS B 502 -10.20 11.42 -23.60
C LYS B 502 -9.13 10.50 -24.18
N LYS B 503 -8.08 11.11 -24.74
CA LYS B 503 -6.96 10.35 -25.28
C LYS B 503 -6.20 9.64 -24.18
N PHE B 504 -5.93 10.36 -23.09
CA PHE B 504 -5.24 9.82 -21.93
C PHE B 504 -5.94 8.58 -21.39
N LEU B 505 -7.27 8.58 -21.43
CA LEU B 505 -8.03 7.48 -20.86
C LEU B 505 -8.21 6.31 -21.81
N LEU B 506 -7.62 6.41 -23.01
CA LEU B 506 -7.58 5.32 -23.98
C LEU B 506 -8.94 4.98 -24.56
C1 NAG C . -7.64 37.54 -19.43
C2 NAG C . -6.72 38.53 -20.19
C3 NAG C . -5.24 38.09 -20.12
C4 NAG C . -4.82 37.64 -18.73
C5 NAG C . -5.85 36.68 -18.13
C6 NAG C . -5.55 36.30 -16.70
C7 NAG C . -7.86 39.66 -22.05
C8 NAG C . -8.22 39.59 -23.50
N2 NAG C . -7.15 38.63 -21.58
O3 NAG C . -4.44 39.19 -20.53
O4 NAG C . -3.57 36.94 -18.84
O5 NAG C . -7.13 37.32 -18.13
O6 NAG C . -5.56 37.44 -15.86
O7 NAG C . -8.19 40.61 -21.34
C1 NAG C . -2.48 37.53 -18.08
C2 NAG C . -1.52 36.40 -17.72
C3 NAG C . -0.35 36.95 -16.92
C4 NAG C . 0.32 38.10 -17.65
C5 NAG C . -0.70 39.16 -18.09
C6 NAG C . -0.08 40.18 -19.01
C7 NAG C . -2.40 34.12 -17.52
C8 NAG C . -3.08 33.13 -16.62
N2 NAG C . -2.19 35.34 -17.00
O3 NAG C . 0.61 35.91 -16.72
O4 NAG C . 1.29 38.71 -16.80
O5 NAG C . -1.79 38.55 -18.81
O6 NAG C . -1.05 40.83 -19.81
O7 NAG C . -2.04 33.83 -18.66
C1 NAG D . 31.40 5.13 0.65
C2 NAG D . 32.70 5.92 0.88
C3 NAG D . 32.49 7.40 0.61
C4 NAG D . 31.90 7.61 -0.78
C5 NAG D . 30.62 6.79 -0.92
C6 NAG D . 29.99 6.89 -2.29
C7 NAG D . 34.23 4.94 2.54
C8 NAG D . 34.91 4.27 1.39
N2 NAG D . 33.19 5.72 2.24
O3 NAG D . 33.74 8.07 0.73
O4 NAG D . 31.60 8.99 -0.97
O5 NAG D . 30.92 5.40 -0.69
O6 NAG D . 28.57 6.88 -2.20
O7 NAG D . 34.63 4.80 3.70
C1 NAG E . 1.14 4.95 -23.06
C2 NAG E . 1.48 5.00 -24.56
C3 NAG E . 2.75 4.21 -24.86
C4 NAG E . 3.89 4.68 -23.96
C5 NAG E . 3.47 4.66 -22.50
C6 NAG E . 4.52 5.26 -21.60
C7 NAG E . -0.43 5.27 -26.08
C8 NAG E . -1.54 4.59 -26.83
N2 NAG E . 0.37 4.48 -25.36
O3 NAG E . 3.11 4.41 -26.22
O4 NAG E . 5.04 3.86 -24.15
O5 NAG E . 2.27 5.41 -22.30
O6 NAG E . 4.72 6.64 -21.86
O7 NAG E . -0.26 6.48 -26.13
C1 NAG F . 2.47 38.89 4.19
C2 NAG F . 2.06 40.31 4.57
C3 NAG F . 1.87 41.16 3.31
C4 NAG F . 3.12 41.10 2.44
C5 NAG F . 3.48 39.64 2.15
C6 NAG F . 4.78 39.50 1.39
C7 NAG F . 0.85 40.33 6.71
C8 NAG F . -0.50 40.34 7.37
N2 NAG F . 0.85 40.33 5.37
O3 NAG F . 1.60 42.51 3.68
O4 NAG F . 2.91 41.79 1.21
O5 NAG F . 3.64 38.92 3.38
O6 NAG F . 5.86 40.02 2.15
O7 NAG F . 1.90 40.32 7.36
#